data_6F7T
#
_entry.id   6F7T
#
_cell.length_a   98.680
_cell.length_b   130.450
_cell.length_c   72.050
_cell.angle_alpha   90.00
_cell.angle_beta   90.00
_cell.angle_gamma   90.00
#
_symmetry.space_group_name_H-M   'P 21 21 2'
#
loop_
_entity.id
_entity.type
_entity.pdbx_description
1 polymer 'FAB RY79-90, LIGHT CHAIN'
2 polymer 'FAB RY79-90, HEAVY CHAIN'
3 polymer 'Ribonuclease Y'
4 non-polymer 'MAGNESIUM ION'
5 water water
#
loop_
_entity_poly.entity_id
_entity_poly.type
_entity_poly.pdbx_seq_one_letter_code
_entity_poly.pdbx_strand_id
1 'polypeptide(L)'
;QLVLTQSSSASFSLGASAKLTCTLSRQHSTYTIEWYQQQPLKPPKYVMELKKDGSHSTGDGIPDRFSGSSSGADRYLSIS
NIQEEDEAIYICGVGDTIKEQFVYVFGGGTKVTVLGQPKSTPTLTVFPPSSEELKENKATLVCLISNFSPSGVTVAWKAN
GTPITQGVDTSNPTKEGNKFMASSFLHLTSDQWRSHNSFTCQVTHEGDTVEKSLSPAE
;
A,L
2 'polypeptide(L)'
;QVQLQESGPELKKPGETVKISCKVSGYPFTNYGMNWVKQAPRKVLKWMGWIDTYTGDPTYADDFKGRFAFSLDTSASTAY
LQINNLKNEDTATYFCARGTYWGQGTLVTVSAAKTTAPSVYPLAPVCGDTTGSSVTLGCLVKGYFPEPVTLTWNSGSLSS
GVHTFPAVLQSDLYTLSSSVTVTSSTWPSQSITCNVAHPASSTKVDKKIEP
;
B,H
3 'polypeptide(L)' ERRNELQKQENR C,D
#
loop_
_chem_comp.id
_chem_comp.type
_chem_comp.name
_chem_comp.formula
MG non-polymer 'MAGNESIUM ION' 'Mg 2'
#
# COMPACT_ATOMS: atom_id res chain seq x y z
N GLN A 1 12.20 -8.75 -42.36
CA GLN A 1 12.02 -7.79 -41.29
C GLN A 1 11.87 -8.44 -39.89
N LEU A 2 12.57 -7.86 -38.88
CA LEU A 2 12.53 -8.26 -37.48
C LEU A 2 11.10 -8.02 -36.95
N VAL A 3 10.30 -9.09 -36.93
CA VAL A 3 8.89 -9.01 -36.53
C VAL A 3 8.59 -10.03 -35.45
N LEU A 4 7.82 -9.62 -34.42
CA LEU A 4 7.35 -10.49 -33.33
C LEU A 4 5.83 -10.60 -33.43
N THR A 5 5.30 -11.81 -33.34
CA THR A 5 3.84 -11.99 -33.42
C THR A 5 3.28 -12.58 -32.14
N GLN A 6 2.24 -11.95 -31.59
CA GLN A 6 1.54 -12.37 -30.37
C GLN A 6 0.02 -12.37 -30.62
N SER A 7 -0.78 -12.93 -29.67
CA SER A 7 -2.25 -12.89 -29.70
C SER A 7 -2.67 -11.49 -29.17
N SER A 8 -3.87 -11.00 -29.53
CA SER A 8 -4.38 -9.71 -29.06
C SER A 8 -4.86 -9.82 -27.58
N SER A 9 -5.48 -10.97 -27.22
CA SER A 9 -6.04 -11.25 -25.90
C SER A 9 -6.13 -12.74 -25.60
N ALA A 10 -6.32 -13.09 -24.29
CA ALA A 10 -6.49 -14.45 -23.75
C ALA A 10 -7.05 -14.42 -22.33
N SER A 11 -7.88 -15.41 -22.00
CA SER A 11 -8.50 -15.53 -20.66
C SER A 11 -8.17 -16.87 -20.05
N PHE A 12 -7.99 -16.90 -18.72
CA PHE A 12 -7.67 -18.11 -17.96
C PHE A 12 -8.35 -18.07 -16.62
N SER A 13 -8.76 -19.23 -16.10
CA SER A 13 -9.36 -19.33 -14.78
C SER A 13 -8.25 -19.27 -13.72
N LEU A 14 -8.57 -18.73 -12.54
CA LEU A 14 -7.65 -18.60 -11.43
C LEU A 14 -7.16 -20.00 -11.04
N GLY A 15 -5.83 -20.16 -10.87
CA GLY A 15 -5.22 -21.44 -10.51
C GLY A 15 -4.79 -22.31 -11.67
N ALA A 16 -5.21 -21.95 -12.88
CA ALA A 16 -4.84 -22.64 -14.11
C ALA A 16 -3.43 -22.24 -14.55
N SER A 17 -2.99 -22.72 -15.72
CA SER A 17 -1.67 -22.40 -16.30
C SER A 17 -1.84 -21.70 -17.64
N ALA A 18 -1.28 -20.50 -17.75
CA ALA A 18 -1.35 -19.72 -18.97
C ALA A 18 -0.06 -19.86 -19.78
N LYS A 19 -0.19 -20.20 -21.09
CA LYS A 19 0.92 -20.28 -22.04
C LYS A 19 0.69 -19.20 -23.09
N LEU A 20 1.55 -18.17 -23.12
CA LEU A 20 1.44 -17.08 -24.09
C LEU A 20 2.53 -17.29 -25.17
N THR A 21 2.22 -16.95 -26.44
CA THR A 21 3.17 -17.13 -27.54
C THR A 21 3.63 -15.80 -28.17
N CYS A 22 4.93 -15.73 -28.36
CA CYS A 22 5.67 -14.67 -29.01
C CYS A 22 6.39 -15.40 -30.15
N THR A 23 6.15 -14.97 -31.41
CA THR A 23 6.71 -15.67 -32.56
C THR A 23 7.67 -14.81 -33.34
N LEU A 24 8.90 -15.31 -33.45
CA LEU A 24 9.93 -14.69 -34.23
C LEU A 24 9.66 -14.95 -35.72
N SER A 25 10.05 -13.99 -36.60
CA SER A 25 9.92 -14.14 -38.06
C SER A 25 10.76 -15.35 -38.55
N ARG A 26 10.53 -15.84 -39.80
CA ARG A 26 11.23 -16.99 -40.44
C ARG A 26 12.73 -17.00 -40.10
N GLN A 27 13.43 -15.88 -40.44
CA GLN A 27 14.83 -15.65 -40.09
C GLN A 27 14.79 -15.16 -38.64
N HIS A 28 15.92 -15.10 -37.92
CA HIS A 28 15.91 -14.68 -36.49
C HIS A 28 15.28 -15.74 -35.54
N SER A 29 14.77 -16.89 -36.06
CA SER A 29 14.12 -17.93 -35.26
C SER A 29 14.99 -18.52 -34.09
N THR A 30 16.30 -18.25 -34.08
CA THR A 30 17.22 -18.71 -33.01
C THR A 30 17.51 -17.59 -31.99
N TYR A 31 16.85 -16.43 -32.15
CA TYR A 31 17.07 -15.24 -31.32
C TYR A 31 16.48 -15.34 -29.94
N THR A 32 17.14 -14.68 -28.97
CA THR A 32 16.73 -14.55 -27.57
C THR A 32 15.81 -13.33 -27.47
N ILE A 33 14.68 -13.52 -26.80
CA ILE A 33 13.69 -12.47 -26.59
C ILE A 33 13.61 -12.11 -25.10
N GLU A 34 12.89 -11.01 -24.79
CA GLU A 34 12.63 -10.54 -23.43
C GLU A 34 11.12 -10.49 -23.28
N TRP A 35 10.62 -10.76 -22.07
CA TRP A 35 9.20 -10.64 -21.75
C TRP A 35 9.05 -9.55 -20.76
N TYR A 36 8.03 -8.72 -20.95
CA TYR A 36 7.66 -7.59 -20.10
C TYR A 36 6.22 -7.73 -19.73
N GLN A 37 5.89 -7.27 -18.53
CA GLN A 37 4.52 -7.28 -18.00
C GLN A 37 4.16 -5.81 -17.80
N GLN A 38 2.96 -5.44 -18.21
CA GLN A 38 2.45 -4.10 -17.98
C GLN A 38 1.04 -4.12 -17.37
N GLN A 39 0.96 -3.62 -16.14
CA GLN A 39 -0.27 -3.50 -15.37
C GLN A 39 -0.83 -2.06 -15.55
N PRO A 40 -2.15 -1.85 -15.31
CA PRO A 40 -2.80 -0.58 -15.66
C PRO A 40 -2.17 0.74 -15.22
N LEU A 41 -1.89 0.97 -13.94
CA LEU A 41 -1.35 2.30 -13.61
C LEU A 41 0.20 2.30 -13.33
N LYS A 42 0.89 1.31 -13.94
CA LYS A 42 2.32 1.08 -13.70
C LYS A 42 3.16 1.09 -14.99
N PRO A 43 4.48 1.43 -14.90
CA PRO A 43 5.35 1.30 -16.09
C PRO A 43 5.62 -0.19 -16.40
N PRO A 44 6.14 -0.55 -17.61
CA PRO A 44 6.45 -1.96 -17.86
C PRO A 44 7.48 -2.52 -16.87
N LYS A 45 7.43 -3.84 -16.68
CA LYS A 45 8.30 -4.57 -15.78
C LYS A 45 8.97 -5.67 -16.57
N TYR A 46 10.29 -5.83 -16.43
CA TYR A 46 11.02 -6.92 -17.05
C TYR A 46 10.61 -8.28 -16.38
N VAL A 47 10.21 -9.26 -17.18
CA VAL A 47 9.84 -10.57 -16.65
C VAL A 47 11.00 -11.55 -16.78
N MET A 48 11.53 -11.73 -18.00
CA MET A 48 12.62 -12.66 -18.26
C MET A 48 13.29 -12.53 -19.62
N GLU A 49 14.42 -13.24 -19.77
CA GLU A 49 15.20 -13.44 -21.00
C GLU A 49 14.89 -14.88 -21.34
N LEU A 50 14.58 -15.18 -22.60
CA LEU A 50 14.26 -16.53 -23.03
C LEU A 50 14.99 -16.85 -24.34
N LYS A 51 15.98 -17.76 -24.23
CA LYS A 51 16.82 -18.26 -25.31
C LYS A 51 16.10 -19.37 -26.10
N LYS A 52 16.59 -19.64 -27.33
CA LYS A 52 16.12 -20.63 -28.33
C LYS A 52 15.99 -22.08 -27.83
N ASP A 53 16.76 -22.45 -26.78
CA ASP A 53 16.78 -23.78 -26.16
C ASP A 53 15.82 -23.90 -24.92
N GLY A 54 15.04 -22.84 -24.63
CA GLY A 54 14.12 -22.82 -23.51
C GLY A 54 14.72 -22.21 -22.26
N SER A 55 16.05 -22.02 -22.27
CA SER A 55 16.81 -21.42 -21.18
C SER A 55 16.23 -20.05 -20.86
N HIS A 56 15.98 -19.80 -19.58
CA HIS A 56 15.39 -18.53 -19.15
C HIS A 56 15.96 -18.04 -17.85
N SER A 57 15.82 -16.74 -17.63
CA SER A 57 16.34 -16.08 -16.44
C SER A 57 15.36 -14.95 -16.13
N THR A 58 14.76 -14.96 -14.94
CA THR A 58 13.77 -13.97 -14.58
C THR A 58 14.39 -12.69 -13.95
N GLY A 59 13.61 -11.61 -13.93
CA GLY A 59 14.00 -10.36 -13.31
C GLY A 59 13.71 -10.38 -11.83
N ASP A 60 14.01 -9.26 -11.17
CA ASP A 60 13.79 -9.06 -9.74
C ASP A 60 12.30 -8.81 -9.49
N GLY A 61 11.78 -9.44 -8.45
CA GLY A 61 10.37 -9.30 -8.08
C GLY A 61 9.45 -10.16 -8.91
N ILE A 62 10.02 -11.13 -9.62
CA ILE A 62 9.25 -12.01 -10.46
C ILE A 62 9.07 -13.32 -9.74
N PRO A 63 7.79 -13.69 -9.40
CA PRO A 63 7.56 -14.95 -8.68
C PRO A 63 7.89 -16.20 -9.51
N ASP A 64 8.08 -17.34 -8.80
CA ASP A 64 8.48 -18.65 -9.29
C ASP A 64 7.47 -19.26 -10.25
N ARG A 65 6.22 -18.78 -10.20
CA ARG A 65 5.18 -19.29 -11.11
C ARG A 65 5.43 -18.85 -12.59
N PHE A 66 6.37 -17.91 -12.81
CA PHE A 66 6.76 -17.44 -14.13
C PHE A 66 7.97 -18.26 -14.65
N SER A 67 7.79 -18.88 -15.81
CA SER A 67 8.82 -19.66 -16.46
C SER A 67 8.68 -19.59 -17.97
N GLY A 68 9.72 -19.94 -18.68
CA GLY A 68 9.72 -19.95 -20.13
C GLY A 68 10.02 -21.29 -20.72
N SER A 69 9.81 -21.40 -22.04
CA SER A 69 10.04 -22.58 -22.87
C SER A 69 10.08 -22.09 -24.35
N SER A 70 10.70 -22.87 -25.24
CA SER A 70 10.79 -22.47 -26.65
C SER A 70 10.55 -23.65 -27.54
N SER A 71 10.17 -23.40 -28.78
CA SER A 71 10.11 -24.51 -29.72
C SER A 71 11.15 -24.22 -30.84
N GLY A 72 10.72 -23.70 -31.96
CA GLY A 72 11.56 -23.24 -33.06
C GLY A 72 11.64 -21.74 -32.94
N ALA A 73 10.79 -21.00 -33.71
CA ALA A 73 10.67 -19.52 -33.71
C ALA A 73 9.71 -19.02 -32.60
N ASP A 74 9.05 -19.96 -31.88
CA ASP A 74 8.10 -19.69 -30.80
C ASP A 74 8.75 -19.61 -29.44
N ARG A 75 8.44 -18.51 -28.72
CA ARG A 75 8.89 -18.28 -27.35
C ARG A 75 7.65 -18.22 -26.49
N TYR A 76 7.61 -19.06 -25.46
CA TYR A 76 6.45 -19.17 -24.59
C TYR A 76 6.70 -18.67 -23.18
N LEU A 77 5.76 -17.85 -22.68
CA LEU A 77 5.75 -17.42 -21.30
C LEU A 77 4.72 -18.32 -20.62
N SER A 78 5.17 -19.15 -19.68
CA SER A 78 4.31 -20.03 -18.90
C SER A 78 4.11 -19.38 -17.49
N ILE A 79 2.82 -19.13 -17.14
CA ILE A 79 2.42 -18.63 -15.81
C ILE A 79 1.65 -19.78 -15.14
N SER A 80 2.26 -20.45 -14.15
CA SER A 80 1.68 -21.56 -13.40
C SER A 80 0.79 -20.99 -12.28
N ASN A 81 -0.34 -21.66 -11.97
CA ASN A 81 -1.24 -21.31 -10.89
C ASN A 81 -1.52 -19.78 -10.93
N ILE A 82 -1.97 -19.31 -12.10
CA ILE A 82 -2.21 -17.91 -12.39
C ILE A 82 -3.07 -17.29 -11.32
N GLN A 83 -2.60 -16.13 -10.82
CA GLN A 83 -3.22 -15.30 -9.79
C GLN A 83 -3.92 -14.13 -10.45
N GLU A 84 -4.88 -13.48 -9.75
CA GLU A 84 -5.61 -12.32 -10.26
C GLU A 84 -4.66 -11.11 -10.46
N GLU A 85 -3.56 -11.00 -9.67
CA GLU A 85 -2.53 -9.96 -9.82
C GLU A 85 -1.71 -10.13 -11.12
N ASP A 86 -1.82 -11.28 -11.79
CA ASP A 86 -1.11 -11.54 -13.04
C ASP A 86 -1.90 -11.03 -14.27
N GLU A 87 -3.01 -10.31 -14.03
CA GLU A 87 -3.83 -9.68 -15.06
C GLU A 87 -3.02 -8.46 -15.54
N ALA A 88 -2.58 -8.50 -16.80
CA ALA A 88 -1.73 -7.50 -17.39
C ALA A 88 -1.60 -7.76 -18.89
N ILE A 89 -0.93 -6.83 -19.60
CA ILE A 89 -0.54 -6.99 -20.99
C ILE A 89 0.92 -7.51 -20.96
N TYR A 90 1.15 -8.65 -21.57
CA TYR A 90 2.47 -9.24 -21.64
C TYR A 90 2.97 -8.94 -23.03
N ILE A 91 4.12 -8.21 -23.09
CA ILE A 91 4.79 -7.79 -24.32
C ILE A 91 6.15 -8.47 -24.46
N CYS A 92 6.48 -8.94 -25.65
CA CYS A 92 7.82 -9.45 -25.87
C CYS A 92 8.65 -8.49 -26.72
N GLY A 93 9.96 -8.59 -26.57
CA GLY A 93 10.90 -7.70 -27.24
C GLY A 93 12.10 -8.46 -27.74
N VAL A 94 12.68 -7.98 -28.84
CA VAL A 94 13.84 -8.61 -29.46
C VAL A 94 14.79 -7.53 -30.00
N GLY A 95 16.08 -7.80 -29.86
CA GLY A 95 17.14 -6.94 -30.36
C GLY A 95 17.85 -7.59 -31.52
N ASP A 96 18.54 -6.78 -32.34
CA ASP A 96 19.29 -7.26 -33.51
C ASP A 96 20.46 -6.31 -33.73
N THR A 97 21.63 -6.88 -34.12
CA THR A 97 22.82 -6.11 -34.48
C THR A 97 23.16 -6.49 -35.92
N ILE A 98 23.49 -5.47 -36.72
CA ILE A 98 23.84 -5.62 -38.13
C ILE A 98 25.38 -5.46 -38.25
N LYS A 99 25.86 -4.25 -38.56
CA LYS A 99 27.29 -3.96 -38.65
C LYS A 99 27.53 -2.97 -37.53
N GLU A 100 27.58 -3.50 -36.28
CA GLU A 100 27.74 -2.74 -35.03
C GLU A 100 26.54 -1.78 -34.75
N GLN A 101 25.39 -2.01 -35.43
CA GLN A 101 24.19 -1.17 -35.30
C GLN A 101 23.06 -1.90 -34.60
N PHE A 102 22.77 -1.48 -33.34
CA PHE A 102 21.74 -2.08 -32.49
C PHE A 102 20.35 -1.51 -32.74
N VAL A 103 19.37 -2.40 -32.84
CA VAL A 103 17.97 -2.10 -33.08
C VAL A 103 17.14 -3.02 -32.22
N TYR A 104 16.17 -2.46 -31.52
CA TYR A 104 15.26 -3.20 -30.67
C TYR A 104 13.82 -3.03 -31.19
N VAL A 105 12.99 -4.06 -30.99
CA VAL A 105 11.61 -4.14 -31.46
C VAL A 105 10.72 -4.76 -30.37
N PHE A 106 9.52 -4.21 -30.20
CA PHE A 106 8.53 -4.77 -29.29
C PHE A 106 7.40 -5.39 -30.11
N GLY A 107 6.77 -6.43 -29.55
CA GLY A 107 5.57 -7.04 -30.12
C GLY A 107 4.38 -6.18 -29.75
N GLY A 108 3.22 -6.51 -30.35
CA GLY A 108 1.97 -5.79 -30.13
C GLY A 108 1.37 -5.97 -28.75
N GLY A 109 1.80 -7.04 -28.07
CA GLY A 109 1.34 -7.39 -26.72
C GLY A 109 0.13 -8.30 -26.75
N THR A 110 -0.10 -9.01 -25.61
CA THR A 110 -1.20 -9.94 -25.33
C THR A 110 -1.86 -9.49 -24.04
N LYS A 111 -3.14 -9.09 -24.09
CA LYS A 111 -3.89 -8.72 -22.86
C LYS A 111 -4.35 -10.02 -22.18
N VAL A 112 -3.96 -10.20 -20.90
CA VAL A 112 -4.31 -11.40 -20.14
C VAL A 112 -5.31 -11.08 -19.06
N THR A 113 -6.42 -11.78 -19.12
CA THR A 113 -7.55 -11.72 -18.23
C THR A 113 -7.57 -13.01 -17.38
N VAL A 114 -7.68 -12.85 -16.06
CA VAL A 114 -7.80 -13.96 -15.11
C VAL A 114 -9.25 -13.95 -14.60
N LEU A 115 -9.99 -15.05 -14.86
CA LEU A 115 -11.39 -15.28 -14.46
C LEU A 115 -11.49 -16.02 -13.12
N GLY A 116 -12.70 -16.08 -12.58
CA GLY A 116 -13.02 -16.72 -11.29
C GLY A 116 -13.30 -15.72 -10.20
N GLN A 117 -13.38 -14.44 -10.59
CA GLN A 117 -13.67 -13.31 -9.72
C GLN A 117 -15.17 -13.35 -9.38
N PRO A 118 -15.50 -13.19 -8.08
CA PRO A 118 -16.91 -13.29 -7.67
C PRO A 118 -17.86 -12.22 -8.27
N LYS A 119 -18.97 -12.67 -8.89
CA LYS A 119 -20.05 -11.84 -9.43
C LYS A 119 -20.69 -10.99 -8.30
N SER A 120 -20.90 -9.67 -8.55
CA SER A 120 -21.41 -8.69 -7.60
C SER A 120 -22.29 -7.64 -8.27
N THR A 121 -23.44 -7.35 -7.65
CA THR A 121 -24.44 -6.40 -8.12
C THR A 121 -23.99 -4.94 -7.86
N PRO A 122 -24.27 -3.98 -8.79
CA PRO A 122 -23.82 -2.61 -8.56
C PRO A 122 -24.55 -1.89 -7.44
N THR A 123 -23.82 -0.94 -6.83
CA THR A 123 -24.29 -0.05 -5.80
C THR A 123 -24.39 1.30 -6.47
N LEU A 124 -25.58 1.90 -6.38
CA LEU A 124 -25.86 3.21 -6.95
C LEU A 124 -25.92 4.29 -5.87
N THR A 125 -25.26 5.41 -6.16
CA THR A 125 -25.22 6.59 -5.31
C THR A 125 -25.48 7.77 -6.22
N VAL A 126 -26.60 8.45 -5.99
CA VAL A 126 -27.03 9.60 -6.78
C VAL A 126 -27.00 10.86 -5.94
N PHE A 127 -26.33 11.91 -6.46
CA PHE A 127 -26.24 13.20 -5.78
C PHE A 127 -26.93 14.27 -6.58
N PRO A 128 -27.69 15.16 -5.91
CA PRO A 128 -28.34 16.26 -6.65
C PRO A 128 -27.36 17.42 -6.87
N PRO A 129 -27.72 18.43 -7.72
CA PRO A 129 -26.82 19.58 -7.90
C PRO A 129 -26.73 20.41 -6.61
N SER A 130 -25.51 20.84 -6.26
CA SER A 130 -25.26 21.67 -5.07
C SER A 130 -25.81 23.07 -5.27
N SER A 131 -26.13 23.77 -4.16
CA SER A 131 -26.63 25.16 -4.15
C SER A 131 -25.63 26.10 -4.89
N GLU A 132 -24.32 25.82 -4.73
CA GLU A 132 -23.20 26.53 -5.34
C GLU A 132 -23.27 26.50 -6.88
N GLU A 133 -23.41 25.28 -7.47
CA GLU A 133 -23.54 25.04 -8.91
C GLU A 133 -24.81 25.68 -9.45
N LEU A 134 -25.90 25.69 -8.66
CA LEU A 134 -27.19 26.28 -9.02
C LEU A 134 -27.14 27.80 -9.06
N LYS A 135 -26.12 28.41 -8.40
CA LYS A 135 -25.90 29.87 -8.40
C LYS A 135 -25.31 30.31 -9.75
N GLU A 136 -24.65 29.35 -10.46
CA GLU A 136 -24.08 29.50 -11.80
C GLU A 136 -25.17 29.17 -12.85
N ASN A 137 -26.42 28.94 -12.36
CA ASN A 137 -27.62 28.56 -13.12
C ASN A 137 -27.44 27.24 -13.92
N LYS A 138 -26.51 26.37 -13.47
CA LYS A 138 -26.18 25.06 -14.02
C LYS A 138 -26.56 23.98 -13.00
N ALA A 139 -26.69 22.71 -13.46
CA ALA A 139 -27.05 21.57 -12.60
C ALA A 139 -26.51 20.23 -13.09
N THR A 140 -25.51 19.68 -12.37
CA THR A 140 -24.94 18.36 -12.67
C THR A 140 -25.40 17.40 -11.60
N LEU A 141 -26.02 16.28 -12.07
CA LEU A 141 -26.51 15.16 -11.26
C LEU A 141 -25.47 14.06 -11.42
N VAL A 142 -25.03 13.47 -10.32
CA VAL A 142 -23.95 12.47 -10.31
C VAL A 142 -24.50 11.08 -9.97
N CYS A 143 -24.17 10.08 -10.78
CA CYS A 143 -24.52 8.70 -10.54
C CYS A 143 -23.22 7.98 -10.38
N LEU A 144 -22.98 7.42 -9.19
CA LEU A 144 -21.74 6.69 -8.94
C LEU A 144 -22.10 5.24 -8.76
N ILE A 145 -21.57 4.42 -9.64
CA ILE A 145 -21.84 2.98 -9.70
C ILE A 145 -20.60 2.28 -9.20
N SER A 146 -20.74 1.35 -8.25
CA SER A 146 -19.56 0.69 -7.69
C SER A 146 -19.85 -0.71 -7.18
N ASN A 147 -18.76 -1.47 -6.85
CA ASN A 147 -18.82 -2.81 -6.25
C ASN A 147 -19.47 -3.86 -7.22
N PHE A 148 -19.21 -3.77 -8.54
CA PHE A 148 -19.85 -4.70 -9.49
C PHE A 148 -18.86 -5.51 -10.28
N SER A 149 -19.30 -6.71 -10.67
CA SER A 149 -18.52 -7.68 -11.45
C SER A 149 -19.49 -8.67 -12.12
N PRO A 150 -19.36 -8.92 -13.45
CA PRO A 150 -18.39 -8.33 -14.40
C PRO A 150 -18.72 -6.88 -14.82
N SER A 151 -17.78 -6.22 -15.53
CA SER A 151 -17.81 -4.83 -16.00
C SER A 151 -19.04 -4.35 -16.76
N GLY A 152 -19.70 -5.25 -17.53
CA GLY A 152 -20.83 -4.92 -18.38
C GLY A 152 -22.02 -4.26 -17.72
N VAL A 153 -22.27 -2.99 -18.04
CA VAL A 153 -23.38 -2.20 -17.49
C VAL A 153 -24.06 -1.36 -18.59
N THR A 154 -25.26 -0.85 -18.27
CA THR A 154 -26.05 0.04 -19.10
C THR A 154 -26.50 1.16 -18.17
N VAL A 155 -26.04 2.36 -18.43
CA VAL A 155 -26.47 3.47 -17.58
C VAL A 155 -27.55 4.27 -18.30
N ALA A 156 -28.67 4.50 -17.62
CA ALA A 156 -29.82 5.23 -18.19
C ALA A 156 -30.38 6.29 -17.26
N TRP A 157 -30.73 7.45 -17.80
CA TRP A 157 -31.32 8.51 -17.01
C TRP A 157 -32.79 8.70 -17.33
N LYS A 158 -33.55 9.14 -16.32
CA LYS A 158 -34.97 9.46 -16.38
C LYS A 158 -35.26 10.74 -15.56
N ALA A 159 -36.18 11.59 -16.04
CA ALA A 159 -36.56 12.82 -15.33
C ALA A 159 -37.90 12.62 -14.63
N ASN A 160 -39.00 12.86 -15.34
CA ASN A 160 -40.33 12.62 -14.80
C ASN A 160 -40.79 11.26 -15.34
N GLY A 161 -39.97 10.22 -15.08
CA GLY A 161 -40.19 8.86 -15.56
C GLY A 161 -39.92 8.71 -17.04
N THR A 162 -39.60 9.83 -17.71
CA THR A 162 -39.32 9.95 -19.13
C THR A 162 -37.79 9.95 -19.36
N PRO A 163 -37.30 9.11 -20.29
CA PRO A 163 -35.84 9.02 -20.53
C PRO A 163 -35.19 10.30 -21.00
N ILE A 164 -34.01 10.62 -20.44
CA ILE A 164 -33.23 11.82 -20.81
C ILE A 164 -31.89 11.39 -21.37
N THR A 165 -31.60 11.81 -22.61
CA THR A 165 -30.35 11.47 -23.31
C THR A 165 -29.52 12.73 -23.51
N GLN A 166 -30.20 13.90 -23.53
CA GLN A 166 -29.54 15.19 -23.70
C GLN A 166 -28.84 15.61 -22.41
N GLY A 167 -27.52 15.79 -22.51
CA GLY A 167 -26.66 16.17 -21.41
C GLY A 167 -26.22 15.01 -20.53
N VAL A 168 -26.10 13.81 -21.12
CA VAL A 168 -25.69 12.63 -20.37
C VAL A 168 -24.34 12.19 -20.86
N ASP A 169 -23.38 12.09 -19.93
CA ASP A 169 -22.07 11.56 -20.23
C ASP A 169 -21.71 10.49 -19.20
N THR A 170 -21.55 9.26 -19.69
CA THR A 170 -21.26 8.05 -18.90
C THR A 170 -19.82 7.58 -19.14
N SER A 171 -19.11 7.22 -18.06
CA SER A 171 -17.75 6.72 -18.17
C SER A 171 -17.79 5.22 -18.57
N ASN A 172 -16.63 4.68 -18.94
CA ASN A 172 -16.53 3.25 -19.24
C ASN A 172 -16.31 2.57 -17.88
N PRO A 173 -16.66 1.28 -17.69
CA PRO A 173 -16.38 0.65 -16.38
C PRO A 173 -14.88 0.49 -16.21
N THR A 174 -14.36 0.96 -15.09
CA THR A 174 -12.94 0.90 -14.79
C THR A 174 -12.73 -0.02 -13.62
N LYS A 175 -11.66 -0.82 -13.68
CA LYS A 175 -11.36 -1.76 -12.59
C LYS A 175 -10.88 -1.03 -11.36
N GLU A 176 -11.41 -1.39 -10.19
CA GLU A 176 -11.01 -0.84 -8.92
C GLU A 176 -11.00 -1.94 -7.91
N GLY A 177 -9.81 -2.54 -7.81
CA GLY A 177 -9.53 -3.69 -6.97
C GLY A 177 -10.03 -4.95 -7.65
N ASN A 178 -10.79 -5.74 -6.89
CA ASN A 178 -11.36 -7.00 -7.35
C ASN A 178 -12.75 -6.84 -8.04
N LYS A 179 -13.19 -5.58 -8.28
CA LYS A 179 -14.48 -5.26 -8.89
C LYS A 179 -14.35 -4.13 -9.89
N PHE A 180 -15.46 -3.47 -10.22
CA PHE A 180 -15.51 -2.34 -11.14
C PHE A 180 -16.28 -1.20 -10.54
N MET A 181 -16.07 -0.04 -11.12
CA MET A 181 -16.78 1.18 -10.83
C MET A 181 -16.90 1.97 -12.12
N ALA A 182 -17.91 2.83 -12.19
CA ALA A 182 -18.19 3.68 -13.33
C ALA A 182 -19.00 4.86 -12.81
N SER A 183 -19.10 5.93 -13.58
CA SER A 183 -19.88 7.10 -13.21
C SER A 183 -20.63 7.62 -14.41
N SER A 184 -21.66 8.42 -14.15
CA SER A 184 -22.49 9.02 -15.17
C SER A 184 -22.98 10.34 -14.61
N PHE A 185 -23.00 11.37 -15.46
CA PHE A 185 -23.42 12.71 -15.08
C PHE A 185 -24.55 13.18 -15.95
N LEU A 186 -25.50 13.96 -15.38
CA LEU A 186 -26.61 14.51 -16.13
C LEU A 186 -26.57 16.04 -15.96
N HIS A 187 -26.08 16.73 -17.00
CA HIS A 187 -25.97 18.18 -16.97
CA HIS A 187 -25.91 18.17 -17.05
C HIS A 187 -27.20 18.86 -17.56
N LEU A 188 -27.97 19.47 -16.67
CA LEU A 188 -29.18 20.22 -17.03
C LEU A 188 -28.89 21.67 -16.62
N THR A 189 -29.75 22.62 -17.02
CA THR A 189 -29.59 23.99 -16.53
C THR A 189 -30.29 24.01 -15.17
N SER A 190 -30.15 25.11 -14.39
CA SER A 190 -30.90 25.23 -13.13
C SER A 190 -32.34 25.48 -13.58
N ASP A 191 -33.32 25.26 -12.68
CA ASP A 191 -34.74 25.42 -13.01
C ASP A 191 -35.25 24.29 -13.94
N GLN A 192 -34.34 23.68 -14.76
CA GLN A 192 -34.61 22.51 -15.61
C GLN A 192 -34.65 21.34 -14.62
N TRP A 193 -33.87 21.48 -13.54
CA TRP A 193 -33.78 20.60 -12.39
C TRP A 193 -35.03 20.84 -11.50
N ARG A 194 -35.37 22.12 -11.26
CA ARG A 194 -36.48 22.57 -10.42
C ARG A 194 -37.89 22.44 -11.04
N SER A 195 -38.02 22.26 -12.38
CA SER A 195 -39.32 22.12 -13.09
C SER A 195 -39.76 20.67 -13.31
N HIS A 196 -38.98 19.72 -12.75
CA HIS A 196 -39.22 18.27 -12.85
C HIS A 196 -39.38 17.69 -11.42
N ASN A 197 -40.43 16.86 -11.23
CA ASN A 197 -40.73 16.16 -10.00
C ASN A 197 -39.97 14.84 -10.13
N SER A 198 -38.78 14.84 -9.57
CA SER A 198 -37.82 13.75 -9.36
C SER A 198 -36.96 13.41 -10.58
N PHE A 199 -35.81 12.72 -10.36
CA PHE A 199 -34.87 12.28 -11.39
C PHE A 199 -34.36 10.90 -11.01
N THR A 200 -34.19 9.99 -12.01
CA THR A 200 -33.76 8.62 -11.79
C THR A 200 -32.60 8.15 -12.67
N CYS A 201 -31.61 7.50 -12.03
CA CYS A 201 -30.47 6.86 -12.66
C CYS A 201 -30.66 5.35 -12.53
N GLN A 202 -30.84 4.68 -13.67
CA GLN A 202 -31.02 3.24 -13.80
C GLN A 202 -29.75 2.60 -14.32
N VAL A 203 -29.36 1.47 -13.72
CA VAL A 203 -28.20 0.69 -14.13
C VAL A 203 -28.62 -0.76 -14.28
N THR A 204 -28.36 -1.32 -15.48
CA THR A 204 -28.69 -2.70 -15.82
C THR A 204 -27.39 -3.48 -15.91
N HIS A 205 -27.31 -4.54 -15.10
CA HIS A 205 -26.15 -5.42 -14.98
C HIS A 205 -26.67 -6.85 -14.81
N GLU A 206 -26.28 -7.77 -15.74
CA GLU A 206 -26.68 -9.20 -15.80
C GLU A 206 -28.21 -9.32 -15.90
N GLY A 207 -28.83 -8.46 -16.71
CA GLY A 207 -30.28 -8.43 -16.90
C GLY A 207 -31.06 -7.77 -15.76
N ASP A 208 -30.46 -7.72 -14.55
CA ASP A 208 -31.06 -7.10 -13.36
C ASP A 208 -30.92 -5.58 -13.48
N THR A 209 -31.91 -4.85 -12.95
CA THR A 209 -31.91 -3.39 -12.98
C THR A 209 -31.95 -2.83 -11.56
N VAL A 210 -31.04 -1.91 -11.26
CA VAL A 210 -30.92 -1.21 -9.98
C VAL A 210 -31.17 0.29 -10.30
N GLU A 211 -31.95 1.01 -9.47
CA GLU A 211 -32.25 2.42 -9.72
C GLU A 211 -32.29 3.29 -8.46
N LYS A 212 -31.93 4.57 -8.60
CA LYS A 212 -32.00 5.55 -7.50
C LYS A 212 -32.58 6.87 -7.97
N SER A 213 -33.23 7.60 -7.05
CA SER A 213 -33.90 8.86 -7.40
C SER A 213 -33.56 10.05 -6.51
N LEU A 214 -33.77 11.25 -7.06
CA LEU A 214 -33.55 12.53 -6.39
C LEU A 214 -34.83 13.31 -6.38
N SER A 215 -35.07 14.10 -5.32
CA SER A 215 -36.28 14.91 -5.26
C SER A 215 -36.01 16.39 -5.06
N PRO A 216 -36.37 17.24 -6.04
CA PRO A 216 -36.22 18.69 -5.87
C PRO A 216 -37.45 19.20 -5.11
N ALA A 217 -37.47 19.03 -3.76
CA ALA A 217 -38.58 19.40 -2.88
C ALA A 217 -38.12 20.17 -1.65
N GLN B 1 16.94 -1.13 -4.87
CA GLN B 1 17.67 0.12 -4.77
C GLN B 1 17.79 0.82 -6.11
N VAL B 2 17.92 0.10 -7.28
CA VAL B 2 18.07 0.72 -8.61
C VAL B 2 16.78 1.49 -8.98
N GLN B 3 16.94 2.77 -9.38
CA GLN B 3 15.80 3.63 -9.70
C GLN B 3 16.11 4.62 -10.82
N LEU B 4 15.16 4.75 -11.77
CA LEU B 4 15.27 5.71 -12.86
C LEU B 4 14.09 6.65 -12.65
N GLN B 5 14.38 7.86 -12.21
CA GLN B 5 13.31 8.80 -11.92
C GLN B 5 13.22 9.84 -13.00
N GLU B 6 12.05 9.93 -13.63
CA GLU B 6 11.80 10.86 -14.73
C GLU B 6 11.14 12.18 -14.26
N SER B 7 11.26 13.24 -15.08
CA SER B 7 10.62 14.53 -14.78
C SER B 7 9.09 14.38 -14.86
N GLY B 8 8.37 15.36 -14.32
CA GLY B 8 6.91 15.32 -14.27
C GLY B 8 6.20 15.54 -15.58
N PRO B 9 4.84 15.47 -15.58
CA PRO B 9 4.07 15.69 -16.82
C PRO B 9 4.32 17.05 -17.47
N GLU B 10 4.09 17.11 -18.79
CA GLU B 10 4.33 18.31 -19.58
C GLU B 10 3.18 18.61 -20.53
N LEU B 11 2.71 19.86 -20.55
CA LEU B 11 1.67 20.29 -21.48
C LEU B 11 2.28 21.32 -22.43
N LYS B 12 2.36 20.95 -23.69
CA LYS B 12 2.95 21.82 -24.69
C LYS B 12 1.94 22.03 -25.84
N LYS B 13 2.09 23.15 -26.57
CA LYS B 13 1.28 23.50 -27.73
C LYS B 13 2.02 22.90 -28.94
N PRO B 14 1.38 22.59 -30.09
CA PRO B 14 2.15 22.10 -31.25
C PRO B 14 3.21 23.13 -31.69
N GLY B 15 4.34 22.65 -32.19
CA GLY B 15 5.43 23.51 -32.64
C GLY B 15 6.43 23.84 -31.55
N GLU B 16 6.04 23.65 -30.29
CA GLU B 16 6.94 23.87 -29.15
C GLU B 16 7.94 22.71 -29.04
N THR B 17 8.81 22.79 -28.03
CA THR B 17 9.88 21.84 -27.79
C THR B 17 9.83 21.43 -26.31
N VAL B 18 10.07 20.13 -26.03
CA VAL B 18 10.02 19.59 -24.67
C VAL B 18 11.32 18.88 -24.34
N LYS B 19 11.77 18.96 -23.08
CA LYS B 19 12.97 18.32 -22.58
C LYS B 19 12.59 17.49 -21.35
N ILE B 20 12.76 16.16 -21.43
CA ILE B 20 12.44 15.16 -20.42
C ILE B 20 13.75 14.62 -19.85
N SER B 21 13.84 14.52 -18.50
CA SER B 21 15.03 13.99 -17.83
C SER B 21 14.76 12.66 -17.20
N CYS B 22 15.83 11.91 -16.93
CA CYS B 22 15.80 10.56 -16.37
C CYS B 22 17.03 10.38 -15.48
N LYS B 23 16.81 10.55 -14.18
CA LYS B 23 17.81 10.51 -13.12
C LYS B 23 18.04 9.08 -12.66
N VAL B 24 19.25 8.58 -12.92
CA VAL B 24 19.66 7.22 -12.61
C VAL B 24 20.31 7.15 -11.24
N SER B 25 19.88 6.18 -10.41
CA SER B 25 20.45 5.90 -9.08
C SER B 25 20.46 4.42 -8.80
N GLY B 26 21.47 3.96 -8.05
CA GLY B 26 21.63 2.56 -7.65
C GLY B 26 22.60 1.69 -8.41
N TYR B 27 23.21 2.22 -9.50
CA TYR B 27 24.19 1.53 -10.35
C TYR B 27 25.07 2.55 -11.09
N PRO B 28 26.28 2.15 -11.55
CA PRO B 28 27.13 3.09 -12.32
C PRO B 28 26.55 3.48 -13.69
N PHE B 29 26.12 4.73 -13.80
CA PHE B 29 25.47 5.33 -14.97
C PHE B 29 26.11 5.01 -16.32
N THR B 30 27.44 5.07 -16.40
CA THR B 30 28.23 4.87 -17.64
C THR B 30 28.37 3.38 -18.04
N ASN B 31 28.00 2.43 -17.13
CA ASN B 31 28.03 0.98 -17.37
C ASN B 31 27.01 0.53 -18.41
N TYR B 32 25.83 1.18 -18.45
CA TYR B 32 24.76 0.77 -19.35
C TYR B 32 24.28 1.91 -20.16
N GLY B 33 23.89 1.64 -21.39
CA GLY B 33 23.24 2.60 -22.29
C GLY B 33 21.79 2.79 -21.88
N MET B 34 21.20 3.88 -22.32
CA MET B 34 19.83 4.18 -21.95
C MET B 34 18.95 4.13 -23.19
N ASN B 35 17.88 3.34 -23.14
CA ASN B 35 16.87 3.23 -24.17
C ASN B 35 15.74 4.22 -23.89
N TRP B 36 15.07 4.69 -24.94
CA TRP B 36 13.89 5.54 -24.82
C TRP B 36 12.75 4.82 -25.54
N VAL B 37 11.57 4.73 -24.86
CA VAL B 37 10.40 4.01 -25.35
C VAL B 37 9.16 4.90 -25.34
N LYS B 38 8.32 4.80 -26.39
CA LYS B 38 7.08 5.58 -26.49
C LYS B 38 5.88 4.66 -26.32
N GLN B 39 4.93 5.08 -25.52
CA GLN B 39 3.70 4.35 -25.32
C GLN B 39 2.54 5.33 -25.56
N ALA B 40 2.08 5.41 -26.81
CA ALA B 40 0.97 6.28 -27.22
C ALA B 40 -0.31 5.69 -26.64
N PRO B 41 -1.43 6.47 -26.42
CA PRO B 41 -2.68 5.90 -25.86
C PRO B 41 -3.09 4.49 -26.30
N ARG B 42 -2.76 4.07 -27.57
CA ARG B 42 -2.98 2.70 -28.07
C ARG B 42 -2.40 1.62 -27.10
N LYS B 43 -1.39 2.05 -26.29
CA LYS B 43 -0.58 1.41 -25.22
C LYS B 43 0.62 0.57 -25.78
N VAL B 44 0.67 0.39 -27.14
CA VAL B 44 1.75 -0.36 -27.79
C VAL B 44 3.09 0.35 -27.55
N LEU B 45 4.06 -0.35 -26.86
CA LEU B 45 5.42 0.11 -26.59
C LEU B 45 6.18 0.21 -27.90
N LYS B 46 6.89 1.31 -28.11
CA LYS B 46 7.68 1.58 -29.32
C LYS B 46 9.10 2.05 -28.98
N TRP B 47 10.11 1.28 -29.36
CA TRP B 47 11.51 1.62 -29.13
C TRP B 47 11.90 2.85 -29.99
N MET B 48 12.40 3.92 -29.36
CA MET B 48 12.77 5.15 -30.04
C MET B 48 14.24 5.20 -30.38
N GLY B 49 15.01 4.35 -29.72
CA GLY B 49 16.46 4.30 -29.89
C GLY B 49 17.15 4.28 -28.54
N TRP B 50 18.47 4.47 -28.54
CA TRP B 50 19.28 4.47 -27.31
C TRP B 50 20.48 5.39 -27.42
N ILE B 51 21.18 5.62 -26.30
CA ILE B 51 22.35 6.48 -26.21
C ILE B 51 23.43 5.86 -25.31
N ASP B 52 24.70 5.86 -25.78
CA ASP B 52 25.84 5.43 -24.98
C ASP B 52 26.03 6.48 -23.87
N THR B 53 25.94 6.07 -22.62
CA THR B 53 26.02 6.96 -21.47
C THR B 53 27.46 7.42 -21.14
N TYR B 54 28.47 7.04 -21.96
CA TYR B 54 29.81 7.55 -21.77
C TYR B 54 30.15 8.54 -22.92
N THR B 55 30.03 8.06 -24.19
CA THR B 55 30.32 8.85 -25.40
C THR B 55 29.24 9.87 -25.68
N GLY B 56 28.00 9.47 -25.45
CA GLY B 56 26.86 10.32 -25.75
C GLY B 56 26.40 10.07 -27.17
N ASP B 57 26.87 8.96 -27.77
CA ASP B 57 26.52 8.56 -29.14
C ASP B 57 25.08 8.02 -29.18
N PRO B 58 24.16 8.71 -29.88
CA PRO B 58 22.80 8.23 -29.94
C PRO B 58 22.57 7.36 -31.17
N THR B 59 21.54 6.52 -31.11
CA THR B 59 21.06 5.66 -32.19
C THR B 59 19.55 5.85 -32.15
N TYR B 60 18.95 6.34 -33.25
CA TYR B 60 17.49 6.58 -33.34
C TYR B 60 16.81 5.50 -34.16
N ALA B 61 15.60 5.12 -33.79
CA ALA B 61 14.82 4.15 -34.55
C ALA B 61 14.35 4.88 -35.79
N ASP B 62 13.93 4.15 -36.83
CA ASP B 62 13.50 4.73 -38.09
C ASP B 62 12.40 5.75 -37.98
N ASP B 63 11.48 5.55 -37.04
CA ASP B 63 10.34 6.46 -36.81
C ASP B 63 10.69 7.69 -35.97
N PHE B 64 11.95 7.78 -35.47
CA PHE B 64 12.34 8.85 -34.56
C PHE B 64 13.59 9.64 -35.01
N LYS B 65 13.73 9.83 -36.32
CA LYS B 65 14.83 10.56 -36.92
C LYS B 65 14.42 12.05 -37.07
N GLY B 66 15.39 12.96 -37.06
CA GLY B 66 15.15 14.38 -37.23
C GLY B 66 14.72 15.19 -36.02
N ARG B 67 13.49 14.97 -35.51
CA ARG B 67 12.89 15.72 -34.40
C ARG B 67 13.26 15.28 -33.00
N PHE B 68 13.90 14.11 -32.86
CA PHE B 68 14.25 13.54 -31.56
C PHE B 68 15.74 13.60 -31.29
N ALA B 69 16.13 13.94 -30.07
CA ALA B 69 17.52 14.08 -29.65
C ALA B 69 17.78 13.55 -28.21
N PHE B 70 18.77 12.68 -28.08
CA PHE B 70 19.12 12.14 -26.77
C PHE B 70 20.41 12.82 -26.29
N SER B 71 20.43 13.28 -25.03
CA SER B 71 21.64 13.89 -24.47
C SER B 71 21.91 13.43 -23.04
N LEU B 72 23.08 13.76 -22.52
CA LEU B 72 23.51 13.37 -21.18
C LEU B 72 23.99 14.54 -20.36
N ASP B 73 24.15 14.26 -19.05
CA ASP B 73 24.77 15.01 -17.97
C ASP B 73 25.33 13.89 -17.08
N THR B 74 26.44 13.29 -17.54
CA THR B 74 27.13 12.15 -16.92
C THR B 74 27.42 12.40 -15.46
N SER B 75 27.94 13.62 -15.16
CA SER B 75 28.24 14.10 -13.81
C SER B 75 27.00 13.97 -12.90
N ALA B 76 25.81 14.32 -13.43
CA ALA B 76 24.51 14.24 -12.72
C ALA B 76 23.78 12.88 -12.85
N SER B 77 24.34 11.88 -13.60
CA SER B 77 23.72 10.57 -13.89
C SER B 77 22.30 10.76 -14.45
N THR B 78 22.16 11.71 -15.38
CA THR B 78 20.91 12.13 -16.00
C THR B 78 20.98 12.01 -17.53
N ALA B 79 19.95 11.40 -18.09
CA ALA B 79 19.74 11.25 -19.51
C ALA B 79 18.55 12.13 -19.87
N TYR B 80 18.62 12.77 -21.04
CA TYR B 80 17.59 13.67 -21.52
C TYR B 80 17.01 13.22 -22.85
N LEU B 81 15.75 13.54 -23.10
CA LEU B 81 15.07 13.32 -24.37
C LEU B 81 14.42 14.64 -24.77
N GLN B 82 14.80 15.14 -25.95
CA GLN B 82 14.23 16.37 -26.42
C GLN B 82 13.50 16.12 -27.71
N ILE B 83 12.23 16.51 -27.76
CA ILE B 83 11.39 16.44 -28.95
C ILE B 83 11.15 17.88 -29.43
N ASN B 84 11.54 18.15 -30.69
CA ASN B 84 11.41 19.47 -31.31
C ASN B 84 10.21 19.49 -32.23
N ASN B 85 9.67 20.70 -32.48
CA ASN B 85 8.53 20.93 -33.37
C ASN B 85 7.43 19.89 -33.09
N LEU B 86 6.87 19.95 -31.88
CA LEU B 86 5.85 19.01 -31.40
C LEU B 86 4.60 18.93 -32.28
N LYS B 87 3.99 17.74 -32.28
CA LYS B 87 2.78 17.37 -33.04
C LYS B 87 1.84 16.63 -32.10
N ASN B 88 0.53 16.66 -32.40
CA ASN B 88 -0.53 15.99 -31.61
C ASN B 88 -0.20 14.53 -31.41
N GLU B 89 0.32 13.88 -32.47
CA GLU B 89 0.75 12.46 -32.47
C GLU B 89 1.87 12.18 -31.45
N ASP B 90 2.61 13.23 -31.00
CA ASP B 90 3.65 13.08 -29.97
C ASP B 90 3.02 12.92 -28.57
N THR B 91 1.69 13.09 -28.45
CA THR B 91 1.01 12.88 -27.18
C THR B 91 1.19 11.38 -26.85
N ALA B 92 1.97 11.10 -25.78
CA ALA B 92 2.30 9.76 -25.31
C ALA B 92 3.00 9.83 -23.98
N THR B 93 3.19 8.66 -23.33
CA THR B 93 4.01 8.54 -22.12
C THR B 93 5.40 8.12 -22.63
N TYR B 94 6.45 8.80 -22.17
CA TYR B 94 7.83 8.49 -22.59
C TYR B 94 8.62 7.82 -21.47
N PHE B 95 9.27 6.68 -21.77
CA PHE B 95 10.10 5.97 -20.79
C PHE B 95 11.53 5.97 -21.14
N CYS B 96 12.37 6.03 -20.12
CA CYS B 96 13.78 5.75 -20.22
C CYS B 96 13.88 4.32 -19.65
N ALA B 97 14.64 3.46 -20.30
CA ALA B 97 14.79 2.10 -19.82
C ALA B 97 16.23 1.61 -20.00
N ARG B 98 16.78 1.02 -18.95
CA ARG B 98 18.09 0.39 -19.00
C ARG B 98 17.84 -0.89 -19.80
N GLY B 99 16.68 -1.48 -19.55
CA GLY B 99 16.17 -2.70 -20.16
C GLY B 99 15.47 -3.51 -19.08
N THR B 100 16.26 -3.90 -18.07
CA THR B 100 15.80 -4.67 -16.91
C THR B 100 15.22 -3.74 -15.84
N TYR B 101 15.43 -2.41 -15.98
CA TYR B 101 14.90 -1.35 -15.11
C TYR B 101 14.33 -0.26 -16.01
N TRP B 102 13.20 0.33 -15.59
CA TRP B 102 12.45 1.32 -16.33
C TRP B 102 12.09 2.49 -15.45
N GLY B 103 11.98 3.67 -16.05
CA GLY B 103 11.51 4.88 -15.37
C GLY B 103 10.00 4.82 -15.22
N GLN B 104 9.42 5.65 -14.33
CA GLN B 104 7.97 5.69 -14.11
C GLN B 104 7.14 6.22 -15.29
N GLY B 105 7.81 6.89 -16.24
CA GLY B 105 7.17 7.49 -17.40
C GLY B 105 6.96 8.97 -17.23
N THR B 106 6.80 9.68 -18.35
CA THR B 106 6.58 11.13 -18.38
C THR B 106 5.50 11.37 -19.38
N LEU B 107 4.33 11.86 -18.92
CA LEU B 107 3.28 12.12 -19.88
C LEU B 107 3.45 13.45 -20.55
N VAL B 108 3.53 13.41 -21.89
CA VAL B 108 3.64 14.59 -22.74
C VAL B 108 2.34 14.73 -23.49
N THR B 109 1.65 15.85 -23.27
CA THR B 109 0.37 16.18 -23.88
C THR B 109 0.57 17.35 -24.83
N VAL B 110 0.29 17.12 -26.12
CA VAL B 110 0.44 18.16 -27.13
C VAL B 110 -0.94 18.70 -27.48
N SER B 111 -1.22 19.92 -27.00
CA SER B 111 -2.53 20.55 -27.16
C SER B 111 -2.45 22.04 -27.26
N ALA B 112 -3.25 22.60 -28.17
CA ALA B 112 -3.38 24.05 -28.38
C ALA B 112 -4.25 24.66 -27.27
N ALA B 113 -5.06 23.82 -26.59
CA ALA B 113 -5.97 24.20 -25.51
C ALA B 113 -5.25 24.65 -24.23
N LYS B 114 -5.76 25.73 -23.60
CA LYS B 114 -5.21 26.29 -22.36
C LYS B 114 -5.47 25.38 -21.13
N THR B 115 -4.57 25.46 -20.14
CA THR B 115 -4.69 24.76 -18.88
C THR B 115 -5.82 25.42 -18.11
N THR B 116 -6.79 24.64 -17.69
CA THR B 116 -7.95 25.13 -16.93
C THR B 116 -7.98 24.50 -15.52
N ALA B 117 -8.11 25.34 -14.49
CA ALA B 117 -8.24 24.92 -13.09
C ALA B 117 -9.67 24.35 -12.92
N PRO B 118 -9.87 23.22 -12.17
CA PRO B 118 -11.23 22.67 -12.04
C PRO B 118 -12.16 23.40 -11.09
N SER B 119 -13.46 23.33 -11.41
CA SER B 119 -14.53 23.84 -10.56
C SER B 119 -14.87 22.66 -9.64
N VAL B 120 -14.90 22.89 -8.31
CA VAL B 120 -15.17 21.83 -7.32
C VAL B 120 -16.48 22.07 -6.56
N TYR B 121 -17.44 21.14 -6.67
CA TYR B 121 -18.73 21.26 -6.00
C TYR B 121 -18.96 20.14 -4.96
N PRO B 122 -19.60 20.47 -3.82
CA PRO B 122 -19.86 19.42 -2.80
C PRO B 122 -21.08 18.57 -3.13
N LEU B 123 -21.00 17.27 -2.85
CA LEU B 123 -22.09 16.32 -3.07
C LEU B 123 -22.58 15.78 -1.73
N ALA B 124 -23.80 16.18 -1.36
CA ALA B 124 -24.44 15.78 -0.10
C ALA B 124 -25.83 15.18 -0.36
N PRO B 125 -26.36 14.30 0.53
CA PRO B 125 -27.69 13.70 0.29
C PRO B 125 -28.89 14.66 0.28
N VAL B 126 -29.97 14.25 -0.46
CA VAL B 126 -31.27 14.91 -0.71
C VAL B 126 -32.13 15.24 0.56
N CYS B 127 -33.32 15.88 0.31
CA CYS B 127 -34.35 16.34 1.26
C CYS B 127 -34.84 15.24 2.23
N GLY B 128 -35.53 14.23 1.68
CA GLY B 128 -36.07 13.09 2.43
C GLY B 128 -35.04 11.98 2.53
N ASP B 129 -34.07 12.15 3.47
CA ASP B 129 -32.95 11.23 3.68
C ASP B 129 -32.67 10.93 5.15
N THR B 130 -32.49 9.62 5.44
CA THR B 130 -32.14 8.97 6.70
C THR B 130 -31.33 7.74 6.28
N THR B 131 -30.08 8.00 5.98
CA THR B 131 -29.03 7.04 5.55
C THR B 131 -28.80 5.87 6.56
N GLY B 132 -29.62 5.84 7.61
CA GLY B 132 -29.62 4.83 8.65
C GLY B 132 -28.37 4.74 9.50
N SER B 133 -27.40 3.95 9.01
CA SER B 133 -26.13 3.66 9.67
C SER B 133 -24.96 4.49 9.18
N SER B 134 -24.79 4.60 7.84
CA SER B 134 -23.69 5.35 7.22
C SER B 134 -24.17 6.30 6.13
N VAL B 135 -23.57 7.50 6.09
CA VAL B 135 -23.84 8.56 5.12
C VAL B 135 -22.69 8.67 4.09
N THR B 136 -23.03 8.88 2.80
CA THR B 136 -22.07 9.03 1.71
C THR B 136 -22.06 10.47 1.20
N LEU B 137 -20.86 11.05 1.09
CA LEU B 137 -20.63 12.42 0.65
C LEU B 137 -19.60 12.41 -0.47
N GLY B 138 -19.73 13.30 -1.44
CA GLY B 138 -18.80 13.36 -2.56
C GLY B 138 -18.34 14.74 -2.94
N CYS B 139 -17.38 14.79 -3.86
CA CYS B 139 -16.80 16.01 -4.42
C CYS B 139 -16.78 15.91 -5.95
N LEU B 140 -17.48 16.84 -6.61
CA LEU B 140 -17.57 16.90 -8.06
C LEU B 140 -16.50 17.87 -8.58
N VAL B 141 -15.55 17.34 -9.38
CA VAL B 141 -14.42 18.07 -9.98
C VAL B 141 -14.69 18.16 -11.50
N LYS B 142 -15.15 19.34 -11.92
CA LYS B 142 -15.61 19.61 -13.28
C LYS B 142 -14.82 20.68 -14.05
N GLY B 143 -14.64 20.43 -15.34
CA GLY B 143 -14.02 21.34 -16.31
C GLY B 143 -12.56 21.66 -16.10
N TYR B 144 -11.71 20.65 -16.08
CA TYR B 144 -10.28 20.89 -15.94
C TYR B 144 -9.52 20.34 -17.16
N PHE B 145 -8.29 20.84 -17.38
CA PHE B 145 -7.42 20.41 -18.47
C PHE B 145 -5.96 20.73 -18.18
N PRO B 146 -5.01 19.78 -18.35
CA PRO B 146 -5.14 18.37 -18.79
C PRO B 146 -5.71 17.46 -17.69
N GLU B 147 -5.45 16.12 -17.74
CA GLU B 147 -6.00 15.22 -16.72
C GLU B 147 -5.01 14.76 -15.61
N PRO B 148 -4.31 15.60 -14.84
CA PRO B 148 -3.45 15.03 -13.81
C PRO B 148 -4.04 15.12 -12.40
N VAL B 149 -5.32 15.59 -12.24
CA VAL B 149 -6.01 15.82 -10.96
C VAL B 149 -5.82 14.67 -9.92
N THR B 150 -5.71 15.07 -8.64
CA THR B 150 -5.51 14.20 -7.48
C THR B 150 -6.28 14.73 -6.28
N LEU B 151 -7.14 13.89 -5.71
CA LEU B 151 -7.99 14.25 -4.59
C LEU B 151 -7.63 13.53 -3.31
N THR B 152 -7.72 14.25 -2.18
CA THR B 152 -7.48 13.77 -0.82
C THR B 152 -8.66 14.28 0.03
N TRP B 153 -9.19 13.42 0.89
CA TRP B 153 -10.28 13.75 1.82
C TRP B 153 -9.52 13.54 3.13
N ASN B 154 -9.62 14.47 4.07
CA ASN B 154 -8.90 14.32 5.34
C ASN B 154 -9.79 14.61 6.54
N SER B 155 -11.09 14.41 6.36
CA SER B 155 -12.04 14.60 7.45
C SER B 155 -12.31 13.30 8.23
N GLY B 156 -12.05 12.17 7.57
CA GLY B 156 -12.17 10.82 8.12
C GLY B 156 -10.87 10.06 7.94
N SER B 157 -10.26 10.21 6.74
CA SER B 157 -8.97 9.69 6.24
C SER B 157 -9.01 8.23 5.70
N LEU B 158 -8.02 7.96 4.81
CA LEU B 158 -7.72 6.70 4.12
C LEU B 158 -8.93 6.16 3.35
N SER B 159 -9.11 4.83 3.28
CA SER B 159 -10.22 4.23 2.55
C SER B 159 -11.45 3.98 3.44
N SER B 160 -11.92 5.04 4.16
CA SER B 160 -13.12 5.02 5.03
C SER B 160 -14.39 4.77 4.17
N GLY B 161 -14.31 5.24 2.94
CA GLY B 161 -15.32 5.12 1.90
C GLY B 161 -14.89 5.90 0.68
N VAL B 162 -13.58 6.25 0.63
CA VAL B 162 -12.97 7.05 -0.45
C VAL B 162 -12.84 6.21 -1.73
N HIS B 163 -13.69 6.54 -2.70
CA HIS B 163 -13.72 5.92 -4.02
C HIS B 163 -13.41 6.99 -5.06
N THR B 164 -12.32 6.81 -5.82
CA THR B 164 -11.96 7.79 -6.84
C THR B 164 -12.38 7.25 -8.19
N PHE B 165 -13.45 7.86 -8.75
CA PHE B 165 -14.05 7.50 -10.03
C PHE B 165 -13.32 8.20 -11.16
N PRO B 166 -12.76 7.42 -12.12
CA PRO B 166 -12.00 8.00 -13.24
C PRO B 166 -12.73 9.02 -14.09
N ALA B 167 -11.95 9.94 -14.67
CA ALA B 167 -12.41 11.03 -15.50
C ALA B 167 -12.98 10.59 -16.86
N VAL B 168 -13.89 11.43 -17.38
CA VAL B 168 -14.52 11.33 -18.69
C VAL B 168 -14.40 12.70 -19.38
N LEU B 169 -14.01 12.73 -20.66
CA LEU B 169 -13.79 13.98 -21.39
C LEU B 169 -15.00 14.41 -22.19
N GLN B 170 -15.87 15.25 -21.59
CA GLN B 170 -17.02 15.77 -22.35
C GLN B 170 -16.69 17.14 -22.92
N SER B 171 -17.00 17.31 -24.23
CA SER B 171 -16.73 18.54 -25.01
C SER B 171 -15.26 18.88 -24.90
N ASP B 172 -14.95 20.06 -24.41
CA ASP B 172 -13.62 20.60 -24.25
C ASP B 172 -12.83 19.90 -23.11
N LEU B 173 -13.42 19.82 -21.90
CA LEU B 173 -12.73 19.42 -20.67
C LEU B 173 -13.08 18.11 -19.99
N TYR B 174 -12.33 17.78 -18.91
CA TYR B 174 -12.47 16.57 -18.10
C TYR B 174 -13.30 16.83 -16.85
N THR B 175 -13.99 15.80 -16.38
CA THR B 175 -14.83 15.74 -15.17
C THR B 175 -14.56 14.43 -14.44
N LEU B 176 -14.48 14.49 -13.10
CA LEU B 176 -14.23 13.40 -12.17
C LEU B 176 -15.14 13.59 -10.95
N SER B 177 -15.28 12.54 -10.15
CA SER B 177 -15.97 12.53 -8.87
C SER B 177 -15.20 11.60 -7.91
N SER B 178 -15.27 11.92 -6.62
CA SER B 178 -14.66 11.15 -5.55
C SER B 178 -15.63 11.21 -4.37
N SER B 179 -15.98 10.04 -3.81
CA SER B 179 -16.91 9.96 -2.68
C SER B 179 -16.23 9.44 -1.41
N VAL B 180 -16.90 9.62 -0.28
CA VAL B 180 -16.48 9.20 1.04
C VAL B 180 -17.71 8.72 1.85
N THR B 181 -17.57 7.58 2.55
CA THR B 181 -18.64 7.04 3.39
C THR B 181 -18.17 7.03 4.85
N VAL B 182 -18.96 7.68 5.71
CA VAL B 182 -18.73 7.85 7.14
C VAL B 182 -20.00 7.48 7.89
N THR B 183 -19.92 7.31 9.23
CA THR B 183 -21.10 7.00 10.04
C THR B 183 -22.08 8.19 10.13
N SER B 184 -23.40 7.92 10.04
CA SER B 184 -24.54 8.87 10.02
C SER B 184 -24.59 9.87 11.20
N SER B 185 -23.77 9.63 12.26
CA SER B 185 -23.65 10.45 13.46
C SER B 185 -22.29 11.20 13.53
N THR B 186 -21.50 11.11 12.44
CA THR B 186 -20.20 11.79 12.25
C THR B 186 -20.43 13.01 11.32
N TRP B 187 -21.52 12.99 10.54
CA TRP B 187 -21.95 14.06 9.63
C TRP B 187 -23.47 14.27 9.79
N PRO B 188 -24.00 15.51 9.98
CA PRO B 188 -23.30 16.82 10.05
C PRO B 188 -22.79 17.21 11.45
N SER B 189 -22.31 16.20 12.23
CA SER B 189 -21.78 16.38 13.58
C SER B 189 -20.35 16.92 13.50
N GLN B 190 -19.40 16.08 13.05
CA GLN B 190 -17.98 16.40 12.86
C GLN B 190 -17.79 16.86 11.40
N SER B 191 -17.19 18.07 11.21
CA SER B 191 -16.96 18.73 9.91
C SER B 191 -16.20 17.89 8.89
N ILE B 192 -16.73 17.87 7.64
CA ILE B 192 -16.17 17.14 6.50
C ILE B 192 -15.95 18.07 5.30
N THR B 193 -14.71 18.05 4.77
CA THR B 193 -14.26 18.82 3.61
C THR B 193 -13.34 17.99 2.70
N CYS B 194 -13.15 18.41 1.44
CA CYS B 194 -12.28 17.70 0.49
C CYS B 194 -11.25 18.63 -0.16
N ASN B 195 -10.08 18.07 -0.53
CA ASN B 195 -8.97 18.79 -1.15
C ASN B 195 -8.66 18.26 -2.55
N VAL B 196 -8.86 19.13 -3.56
CA VAL B 196 -8.63 18.84 -4.97
C VAL B 196 -7.36 19.51 -5.45
N ALA B 197 -6.48 18.74 -6.09
CA ALA B 197 -5.20 19.23 -6.57
C ALA B 197 -4.99 18.99 -8.05
N HIS B 198 -4.89 20.09 -8.84
CA HIS B 198 -4.61 20.03 -10.27
C HIS B 198 -3.19 20.56 -10.42
N PRO B 199 -2.19 19.68 -10.69
CA PRO B 199 -0.79 20.16 -10.72
C PRO B 199 -0.43 21.06 -11.90
N ALA B 200 -1.11 20.85 -13.04
CA ALA B 200 -0.87 21.59 -14.28
C ALA B 200 -1.21 23.08 -14.19
N SER B 201 -2.19 23.43 -13.32
CA SER B 201 -2.60 24.82 -13.06
C SER B 201 -2.09 25.30 -11.70
N SER B 202 -1.31 24.44 -10.98
CA SER B 202 -0.68 24.68 -9.67
C SER B 202 -1.68 25.10 -8.58
N THR B 203 -2.96 24.68 -8.72
CA THR B 203 -4.06 25.03 -7.79
C THR B 203 -4.47 23.87 -6.87
N LYS B 204 -5.17 24.24 -5.76
CA LYS B 204 -5.74 23.36 -4.74
C LYS B 204 -7.04 23.97 -4.21
N VAL B 205 -8.18 23.31 -4.55
CA VAL B 205 -9.54 23.74 -4.15
C VAL B 205 -9.96 22.89 -2.94
N ASP B 206 -10.75 23.48 -2.00
CA ASP B 206 -11.25 22.84 -0.77
C ASP B 206 -12.75 23.15 -0.55
N LYS B 207 -13.61 22.12 -0.44
CA LYS B 207 -15.03 22.40 -0.20
C LYS B 207 -15.61 21.70 1.03
N LYS B 208 -16.22 22.49 1.94
CA LYS B 208 -16.88 22.01 3.16
C LYS B 208 -18.26 21.45 2.79
N ILE B 209 -18.52 20.19 3.17
CA ILE B 209 -19.79 19.56 2.84
C ILE B 209 -20.81 19.90 3.94
N GLU B 210 -21.89 20.58 3.51
CA GLU B 210 -22.98 21.06 4.35
C GLU B 210 -24.34 20.46 3.87
N PRO B 211 -25.33 20.25 4.78
CA PRO B 211 -26.61 19.68 4.32
C PRO B 211 -27.59 20.72 3.78
N GLU C 1 -33.56 -11.63 23.14
CA GLU C 1 -32.74 -11.57 21.93
C GLU C 1 -31.28 -11.17 22.22
N ARG C 2 -31.07 -10.08 23.01
CA ARG C 2 -29.74 -9.55 23.39
C ARG C 2 -28.94 -10.54 24.26
N ARG C 3 -27.58 -10.54 24.07
CA ARG C 3 -26.63 -11.40 24.81
C ARG C 3 -25.20 -11.09 24.40
N ASN C 4 -24.23 -11.85 24.94
CA ASN C 4 -22.86 -11.72 24.49
C ASN C 4 -22.84 -12.53 23.19
N GLU C 5 -22.40 -11.91 22.09
CA GLU C 5 -22.28 -12.50 20.76
C GLU C 5 -21.43 -13.77 20.82
N LEU C 6 -20.49 -13.83 21.77
CA LEU C 6 -19.55 -14.92 21.97
C LEU C 6 -20.21 -16.11 22.60
N GLN C 7 -21.38 -15.90 23.23
CA GLN C 7 -22.15 -16.94 23.88
C GLN C 7 -22.95 -17.78 22.88
N LYS C 8 -22.58 -19.05 22.75
CA LYS C 8 -23.21 -20.00 21.85
C LYS C 8 -23.96 -21.04 22.70
N GLN C 9 -25.27 -21.20 22.42
CA GLN C 9 -26.14 -22.11 23.20
C GLN C 9 -25.71 -23.58 23.17
N GLU C 10 -25.07 -24.03 22.08
CA GLU C 10 -24.53 -25.38 21.89
C GLU C 10 -23.32 -25.68 22.81
N ASN C 11 -22.76 -24.64 23.46
CA ASN C 11 -21.59 -24.74 24.33
C ASN C 11 -21.94 -24.72 25.81
N ARG C 12 -22.77 -25.69 26.26
CA ARG C 12 -23.24 -25.81 27.66
C ARG C 12 -22.87 -27.15 28.28
N GLU D 1 33.24 -2.98 -21.60
CA GLU D 1 32.31 -3.39 -20.54
C GLU D 1 30.89 -2.86 -20.76
N ARG D 2 30.76 -1.53 -21.00
CA ARG D 2 29.49 -0.82 -21.27
C ARG D 2 28.86 -1.23 -22.63
N ARG D 3 27.51 -1.29 -22.65
CA ARG D 3 26.69 -1.60 -23.82
C ARG D 3 25.21 -1.46 -23.46
N ASN D 4 24.35 -1.70 -24.44
CA ASN D 4 22.94 -1.72 -24.19
C ASN D 4 22.66 -3.09 -23.57
N GLU D 5 22.07 -3.13 -22.38
CA GLU D 5 21.71 -4.36 -21.65
C GLU D 5 20.80 -5.26 -22.54
N LEU D 6 20.05 -4.62 -23.47
CA LEU D 6 19.13 -5.27 -24.39
C LEU D 6 19.84 -5.99 -25.50
N GLN D 7 21.13 -5.65 -25.71
CA GLN D 7 21.97 -6.27 -26.71
C GLN D 7 22.48 -7.65 -26.27
N LYS D 8 22.03 -8.68 -27.01
CA LYS D 8 22.34 -10.10 -26.79
C LYS D 8 23.21 -10.57 -27.93
N GLN D 9 24.41 -11.13 -27.62
CA GLN D 9 25.40 -11.57 -28.62
C GLN D 9 24.87 -12.60 -29.66
N GLU D 10 23.95 -13.48 -29.23
CA GLU D 10 23.32 -14.50 -30.05
C GLU D 10 22.38 -13.91 -31.13
N ASN D 11 22.05 -12.61 -31.04
CA ASN D 11 21.13 -11.90 -31.94
C ASN D 11 21.85 -11.02 -32.96
N ARG D 12 22.70 -11.64 -33.80
CA ARG D 12 23.51 -10.93 -34.81
C ARG D 12 23.22 -11.45 -36.22
N GLN E 1 -21.01 0.17 8.52
CA GLN E 1 -19.64 0.64 8.82
C GLN E 1 -19.40 0.70 10.37
N VAL E 2 -19.48 -0.50 10.95
CA VAL E 2 -19.35 -0.78 12.39
C VAL E 2 -17.93 -0.44 12.87
N GLN E 3 -17.82 0.35 13.95
CA GLN E 3 -16.55 0.79 14.51
C GLN E 3 -16.55 0.91 16.03
N LEU E 4 -15.50 0.39 16.69
CA LEU E 4 -15.31 0.52 18.14
C LEU E 4 -14.02 1.30 18.30
N GLN E 5 -14.13 2.56 18.70
CA GLN E 5 -12.95 3.42 18.80
C GLN E 5 -12.58 3.63 20.26
N GLU E 6 -11.35 3.27 20.60
CA GLU E 6 -10.84 3.34 21.96
C GLU E 6 -10.02 4.62 22.23
N SER E 7 -9.86 4.98 23.51
CA SER E 7 -9.01 6.11 23.90
C SER E 7 -7.52 5.84 23.59
N GLY E 8 -6.71 6.90 23.55
CA GLY E 8 -5.29 6.76 23.19
C GLY E 8 -4.40 6.10 24.22
N PRO E 9 -3.08 5.96 23.91
CA PRO E 9 -2.13 5.33 24.87
C PRO E 9 -2.01 6.05 26.19
N GLU E 10 -1.61 5.32 27.24
CA GLU E 10 -1.52 5.84 28.60
C GLU E 10 -0.22 5.41 29.28
N LEU E 11 0.49 6.37 29.91
CA LEU E 11 1.69 6.07 30.69
C LEU E 11 1.37 6.39 32.14
N LYS E 12 1.37 5.38 32.98
CA LYS E 12 1.04 5.51 34.38
C LYS E 12 2.17 4.92 35.22
N LYS E 13 2.32 5.39 36.47
CA LYS E 13 3.29 4.89 37.46
C LYS E 13 2.54 3.80 38.25
N PRO E 14 3.20 2.82 38.89
CA PRO E 14 2.44 1.84 39.68
C PRO E 14 1.64 2.51 40.81
N GLY E 15 0.49 1.92 41.15
CA GLY E 15 -0.38 2.46 42.21
C GLY E 15 -1.39 3.45 41.70
N GLU E 16 -1.17 4.00 40.48
CA GLU E 16 -2.10 4.93 39.87
C GLU E 16 -3.33 4.16 39.34
N THR E 17 -4.27 4.90 38.74
CA THR E 17 -5.53 4.36 38.22
C THR E 17 -5.72 4.88 36.80
N VAL E 18 -6.23 4.02 35.88
CA VAL E 18 -6.43 4.38 34.49
C VAL E 18 -7.89 4.09 34.06
N LYS E 19 -8.46 4.95 33.20
CA LYS E 19 -9.82 4.82 32.67
C LYS E 19 -9.74 4.83 31.15
N ILE E 20 -10.16 3.72 30.50
CA ILE E 20 -10.13 3.47 29.06
C ILE E 20 -11.57 3.48 28.54
N SER E 21 -11.83 4.18 27.43
CA SER E 21 -13.16 4.24 26.81
C SER E 21 -13.18 3.49 25.50
N CYS E 22 -14.39 3.14 25.05
CA CYS E 22 -14.64 2.38 23.82
C CYS E 22 -15.98 2.85 23.22
N LYS E 23 -15.87 3.74 22.24
CA LYS E 23 -16.97 4.39 21.56
C LYS E 23 -17.49 3.52 20.40
N VAL E 24 -18.73 3.07 20.56
CA VAL E 24 -19.39 2.18 19.60
C VAL E 24 -20.20 2.99 18.59
N SER E 25 -20.06 2.64 17.29
CA SER E 25 -20.81 3.25 16.20
C SER E 25 -21.09 2.20 15.11
N GLY E 26 -22.25 2.34 14.46
CA GLY E 26 -22.66 1.47 13.36
C GLY E 26 -23.66 0.37 13.65
N TYR E 27 -24.03 0.18 14.93
CA TYR E 27 -24.99 -0.85 15.37
C TYR E 27 -25.64 -0.43 16.72
N PRO E 28 -26.83 -0.98 17.07
CA PRO E 28 -27.44 -0.59 18.37
C PRO E 28 -26.66 -1.10 19.58
N PHE E 29 -26.02 -0.16 20.31
CA PHE E 29 -25.16 -0.39 21.46
C PHE E 29 -25.69 -1.42 22.48
N THR E 30 -26.98 -1.33 22.80
CA THR E 30 -27.64 -2.16 23.80
C THR E 30 -27.98 -3.59 23.32
N ASN E 31 -27.87 -3.86 22.02
CA ASN E 31 -28.12 -5.17 21.42
C ASN E 31 -27.07 -6.22 21.81
N TYR E 32 -25.80 -5.78 21.97
CA TYR E 32 -24.71 -6.70 22.26
C TYR E 32 -23.93 -6.29 23.47
N GLY E 33 -23.48 -7.29 24.22
CA GLY E 33 -22.60 -7.10 25.37
C GLY E 33 -21.18 -6.79 24.90
N MET E 34 -20.37 -6.20 25.76
CA MET E 34 -19.03 -5.80 25.40
C MET E 34 -18.05 -6.61 26.22
N ASN E 35 -17.14 -7.28 25.54
CA ASN E 35 -16.05 -8.04 26.14
C ASN E 35 -14.82 -7.16 26.27
N TRP E 36 -13.96 -7.44 27.25
CA TRP E 36 -12.69 -6.77 27.42
C TRP E 36 -11.61 -7.86 27.39
N VAL E 37 -10.55 -7.63 26.58
CA VAL E 37 -9.47 -8.59 26.36
C VAL E 37 -8.11 -7.93 26.66
N LYS E 38 -7.19 -8.68 27.28
CA LYS E 38 -5.84 -8.21 27.56
C LYS E 38 -4.83 -8.95 26.68
N GLN E 39 -3.93 -8.22 26.09
CA GLN E 39 -2.85 -8.79 25.28
C GLN E 39 -1.53 -8.22 25.82
N ALA E 40 -0.90 -8.91 26.78
CA ALA E 40 0.39 -8.52 27.34
C ALA E 40 1.46 -8.72 26.26
N PRO E 41 2.63 -7.99 26.25
CA PRO E 41 3.62 -8.13 25.14
C PRO E 41 3.88 -9.53 24.60
N ARG E 42 3.74 -10.60 25.45
CA ARG E 42 3.83 -12.03 25.08
C ARG E 42 2.92 -12.34 23.87
N LYS E 43 1.87 -11.48 23.69
CA LYS E 43 0.81 -11.40 22.67
CA LYS E 43 0.82 -11.42 22.65
C LYS E 43 -0.39 -12.33 22.96
N VAL E 44 -0.28 -13.25 23.97
CA VAL E 44 -1.38 -14.16 24.33
C VAL E 44 -2.63 -13.34 24.78
N LEU E 45 -3.77 -13.46 24.02
CA LEU E 45 -5.06 -12.83 24.31
C LEU E 45 -5.63 -13.47 25.56
N LYS E 46 -6.18 -12.62 26.46
CA LYS E 46 -6.76 -13.06 27.73
C LYS E 46 -8.11 -12.37 27.98
N TRP E 47 -9.19 -13.15 28.06
CA TRP E 47 -10.53 -12.63 28.31
C TRP E 47 -10.62 -12.11 29.74
N MET E 48 -11.01 -10.83 29.91
CA MET E 48 -11.11 -10.20 31.23
C MET E 48 -12.51 -10.26 31.79
N GLY E 49 -13.47 -10.50 30.91
CA GLY E 49 -14.88 -10.54 31.27
C GLY E 49 -15.70 -9.73 30.29
N TRP E 50 -16.96 -9.49 30.63
CA TRP E 50 -17.89 -8.73 29.79
C TRP E 50 -18.92 -7.97 30.62
N ILE E 51 -19.67 -7.07 29.95
CA ILE E 51 -20.70 -6.26 30.57
C ILE E 51 -21.93 -6.18 29.69
N ASP E 52 -23.13 -6.41 30.27
CA ASP E 52 -24.38 -6.24 29.54
C ASP E 52 -24.56 -4.72 29.31
N THR E 53 -24.64 -4.31 28.04
CA THR E 53 -24.74 -2.90 27.68
C THR E 53 -26.14 -2.31 27.89
N TYR E 54 -27.07 -3.10 28.43
CA TYR E 54 -28.46 -2.72 28.69
C TYR E 54 -28.72 -2.62 30.18
N THR E 55 -28.40 -3.68 30.94
CA THR E 55 -28.52 -3.74 32.40
C THR E 55 -27.31 -3.06 33.10
N GLY E 56 -26.11 -3.22 32.53
CA GLY E 56 -24.88 -2.69 33.11
C GLY E 56 -24.24 -3.73 34.03
N ASP E 57 -24.73 -4.98 33.95
CA ASP E 57 -24.24 -6.06 34.78
C ASP E 57 -22.86 -6.55 34.29
N PRO E 58 -21.77 -6.41 35.10
CA PRO E 58 -20.48 -6.92 34.66
C PRO E 58 -20.25 -8.35 35.13
N THR E 59 -19.38 -9.07 34.43
CA THR E 59 -18.93 -10.43 34.74
C THR E 59 -17.42 -10.36 34.53
N TYR E 60 -16.64 -10.61 35.58
CA TYR E 60 -15.18 -10.58 35.53
C TYR E 60 -14.61 -11.99 35.48
N ALA E 61 -13.51 -12.20 34.73
CA ALA E 61 -12.84 -13.49 34.69
C ALA E 61 -12.14 -13.64 36.03
N ASP E 62 -11.75 -14.87 36.41
CA ASP E 62 -11.11 -15.14 37.69
C ASP E 62 -9.85 -14.32 37.96
N ASP E 63 -9.08 -14.04 36.91
CA ASP E 63 -7.85 -13.25 37.01
C ASP E 63 -8.07 -11.76 37.06
N PHE E 64 -9.34 -11.29 36.93
CA PHE E 64 -9.63 -9.87 36.86
C PHE E 64 -10.67 -9.38 37.88
N LYS E 65 -10.63 -9.97 39.08
CA LYS E 65 -11.51 -9.61 40.18
C LYS E 65 -10.80 -8.56 41.06
N GLY E 66 -11.58 -7.73 41.74
CA GLY E 66 -11.06 -6.70 42.63
C GLY E 66 -10.67 -5.37 42.02
N ARG E 67 -9.54 -5.37 41.27
CA ARG E 67 -8.94 -4.15 40.69
C ARG E 67 -9.54 -3.67 39.37
N PHE E 68 -10.40 -4.48 38.73
CA PHE E 68 -10.99 -4.16 37.43
C PHE E 68 -12.47 -3.86 37.52
N ALA E 69 -12.93 -2.82 36.77
CA ALA E 69 -14.31 -2.37 36.76
C ALA E 69 -14.82 -1.96 35.36
N PHE E 70 -15.96 -2.53 34.93
CA PHE E 70 -16.56 -2.18 33.64
C PHE E 70 -17.75 -1.28 33.86
N SER E 71 -17.85 -0.19 33.10
CA SER E 71 -19.01 0.69 33.21
C SER E 71 -19.50 1.17 31.86
N LEU E 72 -20.66 1.81 31.84
CA LEU E 72 -21.29 2.29 30.62
C LEU E 72 -21.66 3.75 30.72
N ASP E 73 -21.98 4.32 29.56
CA ASP E 73 -22.58 5.61 29.23
C ASP E 73 -23.40 5.28 27.98
N THR E 74 -24.56 4.59 28.22
CA THR E 74 -25.47 4.09 27.19
C THR E 74 -25.87 5.18 26.21
N SER E 75 -26.21 6.36 26.74
CA SER E 75 -26.56 7.57 25.98
C SER E 75 -25.44 7.93 24.98
N ALA E 76 -24.17 7.79 25.39
CA ALA E 76 -23.00 8.06 24.55
C ALA E 76 -22.48 6.84 23.75
N SER E 77 -23.12 5.64 23.88
CA SER E 77 -22.69 4.37 23.25
C SER E 77 -21.20 4.09 23.56
N THR E 78 -20.83 4.31 24.83
CA THR E 78 -19.47 4.19 25.34
C THR E 78 -19.38 3.21 26.50
N ALA E 79 -18.40 2.32 26.41
CA ALA E 79 -18.07 1.35 27.44
C ALA E 79 -16.71 1.78 28.02
N TYR E 80 -16.56 1.61 29.32
CA TYR E 80 -15.34 1.99 30.03
C TYR E 80 -14.71 0.81 30.74
N LEU E 81 -13.38 0.85 30.90
CA LEU E 81 -12.59 -0.10 31.69
C LEU E 81 -11.69 0.69 32.63
N GLN E 82 -11.84 0.45 33.94
CA GLN E 82 -10.99 1.10 34.89
C GLN E 82 -10.19 0.10 35.66
N ILE E 83 -8.87 0.29 35.68
CA ILE E 83 -7.91 -0.54 36.43
C ILE E 83 -7.37 0.32 37.58
N ASN E 84 -7.54 -0.15 38.80
CA ASN E 84 -7.12 0.54 40.00
C ASN E 84 -5.84 -0.10 40.52
N ASN E 85 -5.05 0.67 41.31
CA ASN E 85 -3.81 0.24 41.94
C ASN E 85 -2.97 -0.54 40.92
N LEU E 86 -2.54 0.17 39.86
CA LEU E 86 -1.76 -0.39 38.77
C LEU E 86 -0.46 -1.09 39.19
N LYS E 87 -0.08 -2.11 38.42
CA LYS E 87 1.10 -2.96 38.60
C LYS E 87 1.81 -3.10 37.26
N ASN E 88 3.13 -3.38 37.27
CA ASN E 88 3.96 -3.56 36.07
C ASN E 88 3.33 -4.58 35.14
N GLU E 89 2.80 -5.66 35.71
CA GLU E 89 2.14 -6.75 35.00
C GLU E 89 0.89 -6.26 34.23
N ASP E 90 0.33 -5.08 34.60
CA ASP E 90 -0.82 -4.50 33.87
C ASP E 90 -0.37 -3.86 32.55
N THR E 91 0.94 -3.78 32.29
CA THR E 91 1.45 -3.26 31.03
C THR E 91 0.97 -4.23 29.97
N ALA E 92 0.03 -3.76 29.10
CA ALA E 92 -0.59 -4.54 28.04
C ALA E 92 -1.39 -3.65 27.13
N THR E 93 -1.85 -4.20 26.00
CA THR E 93 -2.80 -3.53 25.10
C THR E 93 -4.19 -4.04 25.54
N TYR E 94 -5.15 -3.14 25.76
CA TYR E 94 -6.51 -3.53 26.19
C TYR E 94 -7.52 -3.35 25.07
N PHE E 95 -8.31 -4.40 24.79
CA PHE E 95 -9.33 -4.35 23.74
C PHE E 95 -10.72 -4.45 24.28
N CYS E 96 -11.63 -3.72 23.64
CA CYS E 96 -13.03 -3.91 23.83
C CYS E 96 -13.44 -4.70 22.56
N ALA E 97 -14.25 -5.72 22.74
CA ALA E 97 -14.68 -6.53 21.62
C ALA E 97 -16.14 -6.92 21.75
N ARG E 98 -16.91 -6.73 20.67
CA ARG E 98 -18.28 -7.20 20.60
C ARG E 98 -18.17 -8.70 20.48
N GLY E 99 -17.15 -9.12 19.72
CA GLY E 99 -16.79 -10.50 19.43
C GLY E 99 -16.36 -10.57 17.98
N THR E 100 -17.31 -10.22 17.09
CA THR E 100 -17.11 -10.21 15.65
C THR E 100 -16.52 -8.87 15.20
N TYR E 101 -16.46 -7.87 16.10
CA TYR E 101 -15.85 -6.55 15.90
C TYR E 101 -15.03 -6.24 17.14
N TRP E 102 -13.87 -5.60 16.94
CA TRP E 102 -12.89 -5.27 17.97
C TRP E 102 -12.45 -3.84 17.83
N GLY E 103 -12.07 -3.24 18.98
CA GLY E 103 -11.50 -1.90 19.03
C GLY E 103 -10.05 -1.96 18.62
N GLN E 104 -9.44 -0.81 18.28
CA GLN E 104 -8.05 -0.75 17.83
C GLN E 104 -7.00 -1.07 18.93
N GLY E 105 -7.44 -1.06 20.18
CA GLY E 105 -6.59 -1.33 21.34
C GLY E 105 -6.16 -0.06 21.99
N THR E 106 -5.75 -0.16 23.26
CA THR E 106 -5.26 0.96 24.06
C THR E 106 -4.04 0.47 24.77
N LEU E 107 -2.87 1.04 24.44
CA LEU E 107 -1.68 0.60 25.14
C LEU E 107 -1.53 1.29 26.48
N VAL E 108 -1.46 0.47 27.53
CA VAL E 108 -1.25 0.95 28.90
C VAL E 108 0.15 0.49 29.31
N THR E 109 1.02 1.45 29.63
CA THR E 109 2.39 1.22 30.06
C THR E 109 2.51 1.62 31.52
N VAL E 110 2.83 0.65 32.40
CA VAL E 110 2.97 0.90 33.84
C VAL E 110 4.46 0.96 34.15
N SER E 111 4.94 2.16 34.39
CA SER E 111 6.35 2.36 34.61
C SER E 111 6.61 3.49 35.56
N ALA E 112 7.56 3.26 36.47
CA ALA E 112 8.03 4.25 37.45
C ALA E 112 8.97 5.23 36.75
N ALA E 113 9.55 4.80 35.57
CA ALA E 113 10.46 5.57 34.72
C ALA E 113 9.80 6.81 34.11
N LYS E 114 10.54 7.93 34.17
CA LYS E 114 10.12 9.23 33.66
C LYS E 114 10.03 9.27 32.14
N THR E 115 9.11 10.08 31.63
CA THR E 115 8.95 10.34 30.22
C THR E 115 10.14 11.17 29.82
N THR E 116 10.92 10.69 28.84
CA THR E 116 12.12 11.36 28.36
C THR E 116 11.97 11.78 26.91
N ALA E 117 12.26 13.07 26.63
CA ALA E 117 12.26 13.65 25.30
C ALA E 117 13.50 13.09 24.52
N PRO E 118 13.40 12.71 23.24
CA PRO E 118 14.57 12.15 22.53
C PRO E 118 15.66 13.14 22.13
N SER E 119 16.90 12.64 22.07
CA SER E 119 18.06 13.35 21.57
C SER E 119 18.07 13.02 20.05
N VAL E 120 18.15 14.04 19.19
CA VAL E 120 18.11 13.86 17.74
C VAL E 120 19.42 14.28 17.07
N TYR E 121 20.10 13.34 16.39
CA TYR E 121 21.39 13.62 15.74
C TYR E 121 21.31 13.46 14.22
N PRO E 122 22.01 14.34 13.47
CA PRO E 122 21.97 14.20 12.00
C PRO E 122 22.93 13.12 11.49
N LEU E 123 22.49 12.38 10.46
CA LEU E 123 23.29 11.34 9.82
C LEU E 123 23.60 11.75 8.39
N ALA E 124 24.89 12.05 8.15
CA ALA E 124 25.38 12.49 6.84
C ALA E 124 26.58 11.67 6.42
N PRO E 125 26.84 11.50 5.10
CA PRO E 125 28.01 10.70 4.66
C PRO E 125 29.40 11.26 5.05
N VAL E 126 30.40 10.34 5.18
CA VAL E 126 31.82 10.55 5.55
C VAL E 126 32.66 11.44 4.59
N CYS E 127 33.97 11.60 4.94
CA CYS E 127 35.04 12.36 4.24
C CYS E 127 35.25 11.95 2.77
N GLY E 128 35.69 10.70 2.54
CA GLY E 128 35.90 10.12 1.22
C GLY E 128 34.62 9.51 0.67
N ASP E 129 33.73 10.38 0.16
CA ASP E 129 32.42 10.01 -0.38
C ASP E 129 32.07 10.75 -1.68
N THR E 130 31.47 10.04 -2.65
CA THR E 130 31.06 10.66 -3.93
C THR E 130 29.54 10.49 -4.18
N THR E 131 28.89 9.41 -3.64
CA THR E 131 27.49 8.93 -3.74
C THR E 131 26.95 8.87 -5.21
N GLY E 132 27.74 9.36 -6.17
CA GLY E 132 27.47 9.34 -7.60
C GLY E 132 26.23 10.08 -8.07
N SER E 133 25.10 9.38 -8.01
CA SER E 133 23.79 9.83 -8.48
C SER E 133 22.89 10.37 -7.38
N SER E 134 22.75 9.61 -6.27
CA SER E 134 21.90 9.95 -5.14
C SER E 134 22.61 9.82 -3.80
N VAL E 135 22.35 10.78 -2.90
CA VAL E 135 22.90 10.84 -1.54
C VAL E 135 21.81 10.46 -0.51
N THR E 136 22.20 9.68 0.53
CA THR E 136 21.30 9.26 1.61
C THR E 136 21.67 9.97 2.91
N LEU E 137 20.66 10.55 3.57
CA LEU E 137 20.81 11.29 4.82
C LEU E 137 19.81 10.74 5.81
N GLY E 138 20.20 10.72 7.08
CA GLY E 138 19.32 10.19 8.13
C GLY E 138 19.24 11.03 9.39
N CYS E 139 18.33 10.64 10.29
CA CYS E 139 18.11 11.26 11.58
C CYS E 139 18.08 10.18 12.65
N LEU E 140 19.01 10.27 13.60
CA LEU E 140 19.13 9.34 14.71
C LEU E 140 18.36 9.90 15.92
N VAL E 141 17.32 9.20 16.36
CA VAL E 141 16.43 9.54 17.48
C VAL E 141 16.74 8.58 18.62
N LYS E 142 17.48 9.08 19.61
CA LYS E 142 18.04 8.30 20.71
C LYS E 142 17.59 8.73 22.09
N GLY E 143 17.37 7.72 22.93
CA GLY E 143 17.02 7.88 24.34
C GLY E 143 15.68 8.53 24.67
N TYR E 144 14.61 7.95 24.18
CA TYR E 144 13.29 8.45 24.51
C TYR E 144 12.47 7.38 25.22
N PHE E 145 11.43 7.80 25.97
CA PHE E 145 10.52 6.90 26.69
C PHE E 145 9.16 7.57 26.97
N PRO E 146 8.02 6.90 26.70
CA PRO E 146 7.83 5.54 26.12
C PRO E 146 8.10 5.50 24.61
N GLU E 147 7.53 4.53 23.84
CA GLU E 147 7.79 4.45 22.41
C GLU E 147 6.68 5.01 21.47
N PRO E 148 6.20 6.26 21.54
CA PRO E 148 5.19 6.66 20.56
C PRO E 148 5.75 7.55 19.42
N VAL E 149 7.09 7.78 19.37
CA VAL E 149 7.78 8.68 18.40
C VAL E 149 7.29 8.56 16.93
N THR E 150 7.26 9.72 16.22
CA THR E 150 6.82 9.88 14.84
C THR E 150 7.66 10.95 14.14
N LEU E 151 8.24 10.59 12.99
CA LEU E 151 9.13 11.46 12.22
C LEU E 151 8.56 11.86 10.88
N THR E 152 8.84 13.12 10.48
CA THR E 152 8.48 13.75 9.19
C THR E 152 9.72 14.44 8.68
N TRP E 153 9.97 14.35 7.36
CA TRP E 153 11.23 14.89 6.88
C TRP E 153 11.20 16.42 6.56
N ASN E 154 10.64 16.89 5.45
CA ASN E 154 10.64 18.32 5.14
C ASN E 154 9.24 18.76 4.75
N SER E 155 8.24 17.84 4.89
CA SER E 155 6.80 17.89 4.56
C SER E 155 6.55 17.79 3.02
N GLY E 156 7.38 18.49 2.23
CA GLY E 156 7.35 18.45 0.79
C GLY E 156 8.35 17.46 0.23
N SER E 157 8.43 16.29 0.89
CA SER E 157 9.32 15.20 0.48
C SER E 157 8.60 13.92 0.12
N LEU E 158 7.66 13.43 0.99
CA LEU E 158 6.94 12.14 0.87
C LEU E 158 7.92 10.93 0.88
N SER E 159 7.69 9.89 0.06
CA SER E 159 8.58 8.73 0.05
C SER E 159 9.70 8.84 -1.01
N SER E 160 10.46 9.97 -0.99
CA SER E 160 11.61 10.26 -1.88
C SER E 160 12.76 9.27 -1.60
N GLY E 161 12.81 8.84 -0.35
CA GLY E 161 13.76 7.88 0.18
C GLY E 161 13.55 7.72 1.66
N VAL E 162 12.36 8.19 2.16
CA VAL E 162 12.01 8.16 3.59
C VAL E 162 11.65 6.74 4.04
N HIS E 163 12.57 6.15 4.83
CA HIS E 163 12.44 4.82 5.41
C HIS E 163 12.45 4.95 6.92
N THR E 164 11.38 4.51 7.59
CA THR E 164 11.32 4.59 9.05
C THR E 164 11.63 3.22 9.63
N PHE E 165 12.82 3.10 10.24
CA PHE E 165 13.35 1.90 10.83
C PHE E 165 12.86 1.77 12.28
N PRO E 166 12.17 0.66 12.61
CA PRO E 166 11.58 0.50 13.95
C PRO E 166 12.56 0.54 15.11
N ALA E 167 12.05 0.96 16.27
CA ALA E 167 12.80 1.12 17.51
C ALA E 167 13.30 -0.17 18.12
N VAL E 168 14.41 -0.06 18.86
CA VAL E 168 15.07 -1.11 19.62
C VAL E 168 15.34 -0.52 21.02
N LEU E 169 15.09 -1.28 22.09
CA LEU E 169 15.26 -0.78 23.46
C LEU E 169 16.65 -1.13 24.02
N GLN E 170 17.61 -0.20 23.86
CA GLN E 170 18.95 -0.36 24.40
C GLN E 170 19.05 0.33 25.75
N SER E 171 19.62 -0.39 26.73
CA SER E 171 19.77 0.06 28.12
C SER E 171 18.38 0.43 28.66
N ASP E 172 18.27 1.66 29.17
CA ASP E 172 17.06 2.22 29.74
C ASP E 172 16.00 2.57 28.66
N LEU E 173 16.41 3.27 27.59
CA LEU E 173 15.51 3.88 26.61
C LEU E 173 15.48 3.31 25.19
N TYR E 174 14.59 3.88 24.35
CA TYR E 174 14.40 3.50 22.95
C TYR E 174 15.19 4.38 22.01
N THR E 175 15.58 3.80 20.86
CA THR E 175 16.35 4.41 19.75
C THR E 175 15.71 3.97 18.44
N LEU E 176 15.59 4.90 17.52
CA LEU E 176 15.04 4.74 16.18
C LEU E 176 15.95 5.53 15.20
N SER E 177 15.82 5.24 13.90
CA SER E 177 16.46 5.96 12.81
C SER E 177 15.46 6.07 11.66
N SER E 178 15.57 7.14 10.89
CA SER E 178 14.76 7.40 9.71
C SER E 178 15.70 8.04 8.68
N SER E 179 15.71 7.50 7.45
CA SER E 179 16.59 8.01 6.39
C SER E 179 15.78 8.62 5.24
N VAL E 180 16.47 9.37 4.39
CA VAL E 180 15.95 10.03 3.20
C VAL E 180 17.01 9.97 2.07
N THR E 181 16.58 9.65 0.85
CA THR E 181 17.47 9.60 -0.31
C THR E 181 17.01 10.65 -1.33
N VAL E 182 17.95 11.53 -1.69
CA VAL E 182 17.78 12.67 -2.60
C VAL E 182 18.90 12.65 -3.63
N THR E 183 18.78 13.44 -4.71
CA THR E 183 19.84 13.54 -5.74
C THR E 183 21.09 14.26 -5.20
N SER E 184 22.30 13.73 -5.56
CA SER E 184 23.64 14.17 -5.13
C SER E 184 23.97 15.66 -5.35
N SER E 185 23.13 16.35 -6.16
CA SER E 185 23.25 17.79 -6.50
C SER E 185 22.12 18.64 -5.86
N THR E 186 21.32 18.01 -4.96
CA THR E 186 20.25 18.64 -4.18
C THR E 186 20.77 18.84 -2.73
N TRP E 187 21.83 18.10 -2.35
CA TRP E 187 22.51 18.18 -1.05
C TRP E 187 24.03 18.14 -1.29
N PRO E 188 24.87 19.06 -0.73
CA PRO E 188 24.53 20.18 0.18
C PRO E 188 24.14 21.48 -0.54
N SER E 189 23.43 21.37 -1.68
CA SER E 189 22.97 22.51 -2.48
C SER E 189 21.73 23.14 -1.84
N GLN E 190 20.59 22.41 -1.86
CA GLN E 190 19.31 22.80 -1.28
C GLN E 190 19.25 22.20 0.14
N SER E 191 19.00 23.05 1.17
CA SER E 191 18.95 22.70 2.60
C SER E 191 17.98 21.56 2.95
N ILE E 192 18.47 20.61 3.80
CA ILE E 192 17.71 19.44 4.28
C ILE E 192 17.73 19.37 5.81
N THR E 193 16.53 19.23 6.42
CA THR E 193 16.31 19.09 7.88
C THR E 193 15.21 18.06 8.18
N CYS E 194 15.15 17.56 9.45
CA CYS E 194 14.12 16.58 9.84
C CYS E 194 13.37 17.00 11.11
N ASN E 195 12.10 16.57 11.26
CA ASN E 195 11.22 16.88 12.38
C ASN E 195 10.79 15.61 13.15
N VAL E 196 11.23 15.53 14.41
CA VAL E 196 10.94 14.41 15.32
C VAL E 196 9.89 14.81 16.33
N ALA E 197 8.86 13.96 16.49
CA ALA E 197 7.75 14.22 17.40
C ALA E 197 7.51 13.10 18.40
N HIS E 198 7.69 13.42 19.70
CA HIS E 198 7.44 12.47 20.80
C HIS E 198 6.18 12.99 21.50
N PRO E 199 5.02 12.34 21.33
CA PRO E 199 3.78 12.89 21.90
C PRO E 199 3.68 12.84 23.43
N ALA E 200 4.32 11.83 24.04
CA ALA E 200 4.31 11.59 25.48
C ALA E 200 4.99 12.71 26.29
N SER E 201 5.99 13.38 25.68
CA SER E 201 6.73 14.50 26.28
C SER E 201 6.30 15.84 25.65
N SER E 202 5.32 15.80 24.71
CA SER E 202 4.75 16.94 23.98
C SER E 202 5.81 17.80 23.26
N THR E 203 6.95 17.19 22.88
CA THR E 203 8.07 17.88 22.21
C THR E 203 8.21 17.56 20.71
N LYS E 204 8.96 18.42 19.98
CA LYS E 204 9.29 18.34 18.56
C LYS E 204 10.69 18.91 18.32
N VAL E 205 11.64 18.01 17.97
CA VAL E 205 13.05 18.36 17.69
C VAL E 205 13.24 18.46 16.16
N ASP E 206 14.17 19.34 15.70
CA ASP E 206 14.48 19.60 14.28
C ASP E 206 16.00 19.68 14.06
N LYS E 207 16.57 18.89 13.14
CA LYS E 207 18.02 19.00 12.88
C LYS E 207 18.38 19.21 11.39
N LYS E 208 19.18 20.25 11.11
CA LYS E 208 19.67 20.60 9.77
C LYS E 208 20.86 19.69 9.46
N ILE E 209 20.80 18.99 8.31
CA ILE E 209 21.86 18.09 7.92
C ILE E 209 22.93 18.87 7.14
N GLU E 210 24.14 18.88 7.71
CA GLU E 210 25.33 19.57 7.21
C GLU E 210 26.48 18.56 6.95
N PRO E 211 27.38 18.82 5.97
CA PRO E 211 28.49 17.87 5.73
C PRO E 211 29.69 18.12 6.62
N GLN F 1 -11.21 -26.69 32.98
CA GLN F 1 -10.98 -27.81 32.05
C GLN F 1 -11.07 -27.38 30.57
N LEU F 2 -11.78 -26.27 30.29
CA LEU F 2 -11.97 -25.69 28.95
C LEU F 2 -10.60 -25.26 28.37
N VAL F 3 -10.02 -26.15 27.56
CA VAL F 3 -8.68 -25.94 26.99
C VAL F 3 -8.72 -26.06 25.47
N LEU F 4 -8.04 -25.15 24.76
CA LEU F 4 -7.86 -25.15 23.31
C LEU F 4 -6.39 -25.40 23.00
N THR F 5 -6.10 -26.29 22.06
CA THR F 5 -4.73 -26.61 21.70
C THR F 5 -4.46 -26.30 20.24
N GLN F 6 -3.39 -25.53 19.96
CA GLN F 6 -2.94 -25.13 18.61
C GLN F 6 -1.43 -25.38 18.49
N SER F 7 -0.86 -25.27 17.24
CA SER F 7 0.59 -25.35 16.99
CA SER F 7 0.59 -25.35 17.04
C SER F 7 1.18 -23.96 17.33
N SER F 8 2.50 -23.88 17.65
CA SER F 8 3.16 -22.60 17.93
C SER F 8 3.42 -21.83 16.61
N SER F 9 3.75 -22.56 15.50
CA SER F 9 4.08 -21.99 14.19
C SER F 9 3.83 -22.99 13.04
N ALA F 10 3.82 -22.48 11.78
CA ALA F 10 3.68 -23.20 10.52
C ALA F 10 4.04 -22.31 9.31
N SER F 11 4.64 -22.90 8.28
CA SER F 11 5.05 -22.21 7.06
C SER F 11 4.39 -22.88 5.85
N PHE F 12 4.05 -22.06 4.82
CA PHE F 12 3.43 -22.53 3.59
C PHE F 12 3.90 -21.70 2.43
N SER F 13 4.00 -22.30 1.26
CA SER F 13 4.35 -21.57 0.03
C SER F 13 3.13 -20.82 -0.50
N LEU F 14 3.38 -19.71 -1.15
CA LEU F 14 2.34 -18.88 -1.74
C LEU F 14 1.56 -19.73 -2.76
N GLY F 15 0.23 -19.67 -2.71
CA GLY F 15 -0.64 -20.40 -3.62
C GLY F 15 -1.06 -21.78 -3.16
N ALA F 16 -0.43 -22.26 -2.09
CA ALA F 16 -0.73 -23.54 -1.46
C ALA F 16 -1.96 -23.40 -0.56
N SER F 17 -2.32 -24.46 0.16
CA SER F 17 -3.46 -24.50 1.08
C SER F 17 -2.96 -24.76 2.51
N ALA F 18 -3.27 -23.86 3.42
CA ALA F 18 -2.89 -24.00 4.80
C ALA F 18 -4.10 -24.54 5.62
N LYS F 19 -3.87 -25.60 6.41
CA LYS F 19 -4.86 -26.17 7.33
C LYS F 19 -4.30 -25.99 8.73
N LEU F 20 -4.94 -25.15 9.55
CA LEU F 20 -4.52 -24.93 10.92
C LEU F 20 -5.47 -25.71 11.88
N THR F 21 -4.96 -26.25 12.98
CA THR F 21 -5.77 -27.02 13.94
C THR F 21 -5.88 -26.34 15.32
N CYS F 22 -7.10 -26.32 15.80
CA CYS F 22 -7.55 -25.85 17.09
C CYS F 22 -8.26 -27.08 17.69
N THR F 23 -7.81 -27.53 18.87
CA THR F 23 -8.32 -28.75 19.46
C THR F 23 -9.00 -28.51 20.79
N LEU F 24 -10.26 -28.90 20.85
CA LEU F 24 -11.05 -28.86 22.06
C LEU F 24 -10.64 -30.03 22.98
N SER F 25 -10.74 -29.82 24.32
CA SER F 25 -10.48 -30.84 25.35
C SER F 25 -11.47 -32.02 25.17
N ARG F 26 -11.19 -33.22 25.81
CA ARG F 26 -12.01 -34.46 25.73
C ARG F 26 -13.52 -34.14 25.77
N GLN F 27 -13.97 -33.43 26.85
CA GLN F 27 -15.33 -32.93 27.02
C GLN F 27 -15.35 -31.65 26.19
N HIS F 28 -16.52 -31.07 25.90
CA HIS F 28 -16.57 -29.86 25.05
C HIS F 28 -16.29 -30.12 23.56
N SER F 29 -15.96 -31.38 23.17
CA SER F 29 -15.61 -31.74 21.78
C SER F 29 -16.70 -31.40 20.71
N THR F 30 -17.94 -31.08 21.14
CA THR F 30 -19.06 -30.71 20.26
C THR F 30 -19.26 -29.18 20.19
N TYR F 31 -18.37 -28.42 20.86
CA TYR F 31 -18.45 -26.97 20.98
C TYR F 31 -18.06 -26.23 19.74
N THR F 32 -18.69 -25.06 19.54
CA THR F 32 -18.43 -24.13 18.46
C THR F 32 -17.32 -23.19 18.91
N ILE F 33 -16.34 -22.97 18.04
CA ILE F 33 -15.21 -22.09 18.29
C ILE F 33 -15.27 -20.90 17.33
N GLU F 34 -14.42 -19.90 17.58
CA GLU F 34 -14.26 -18.71 16.73
C GLU F 34 -12.79 -18.67 16.32
N TRP F 35 -12.51 -18.16 15.11
CA TRP F 35 -11.13 -17.97 14.63
C TRP F 35 -10.92 -16.50 14.46
N TYR F 36 -9.76 -16.04 14.90
CA TYR F 36 -9.31 -14.64 14.83
C TYR F 36 -7.97 -14.61 14.16
N GLN F 37 -7.71 -13.53 13.43
CA GLN F 37 -6.44 -13.29 12.74
C GLN F 37 -5.85 -12.08 13.33
N GLN F 38 -4.55 -12.11 13.62
CA GLN F 38 -3.84 -10.94 14.12
C GLN F 38 -2.54 -10.67 13.37
N GLN F 39 -2.52 -9.53 12.67
CA GLN F 39 -1.37 -9.04 11.89
C GLN F 39 -0.51 -8.11 12.77
N PRO F 40 0.78 -7.89 12.42
CA PRO F 40 1.71 -7.19 13.33
C PRO F 40 1.30 -5.85 13.94
N LEU F 41 0.93 -4.83 13.18
CA LEU F 41 0.60 -3.58 13.92
C LEU F 41 -0.92 -3.28 14.00
N LYS F 42 -1.73 -4.36 13.96
CA LYS F 42 -3.19 -4.29 13.91
C LYS F 42 -3.90 -5.02 15.07
N PRO F 43 -5.15 -4.63 15.42
CA PRO F 43 -5.89 -5.39 16.44
C PRO F 43 -6.37 -6.74 15.87
N PRO F 44 -6.78 -7.72 16.71
CA PRO F 44 -7.33 -8.97 16.14
C PRO F 44 -8.59 -8.71 15.29
N LYS F 45 -8.82 -9.59 14.33
CA LYS F 45 -9.94 -9.55 13.39
C LYS F 45 -10.69 -10.87 13.50
N TYR F 46 -12.01 -10.83 13.58
CA TYR F 46 -12.84 -12.01 13.57
C TYR F 46 -12.77 -12.68 12.15
N VAL F 47 -12.47 -13.97 12.10
CA VAL F 47 -12.42 -14.69 10.85
C VAL F 47 -13.71 -15.46 10.61
N MET F 48 -14.08 -16.34 11.54
CA MET F 48 -15.29 -17.15 11.44
C MET F 48 -15.74 -17.84 12.72
N GLU F 49 -16.95 -18.42 12.66
CA GLU F 49 -17.58 -19.29 13.67
C GLU F 49 -17.51 -20.65 13.02
N LEU F 50 -17.08 -21.68 13.75
CA LEU F 50 -16.98 -23.02 13.22
C LEU F 50 -17.58 -24.04 14.21
N LYS F 51 -18.73 -24.62 13.81
CA LYS F 51 -19.51 -25.61 14.54
C LYS F 51 -18.94 -27.02 14.33
N LYS F 52 -19.33 -27.95 15.21
CA LYS F 52 -18.93 -29.38 15.28
C LYS F 52 -19.15 -30.19 14.00
N ASP F 53 -20.13 -29.78 13.17
CA ASP F 53 -20.49 -30.42 11.91
C ASP F 53 -19.74 -29.81 10.66
N GLY F 54 -18.81 -28.88 10.89
CA GLY F 54 -18.04 -28.26 9.83
C GLY F 54 -18.66 -26.96 9.37
N SER F 55 -19.91 -26.70 9.80
CA SER F 55 -20.68 -25.49 9.51
C SER F 55 -19.90 -24.28 9.93
N HIS F 56 -19.77 -23.30 9.02
CA HIS F 56 -18.99 -22.10 9.28
C HIS F 56 -19.61 -20.88 8.68
N SER F 57 -19.23 -19.73 9.21
CA SER F 57 -19.76 -18.45 8.80
C SER F 57 -18.64 -17.46 9.00
N THR F 58 -18.20 -16.78 7.93
CA THR F 58 -17.12 -15.80 8.04
C THR F 58 -17.58 -14.38 8.41
N GLY F 59 -16.63 -13.58 8.91
CA GLY F 59 -16.85 -12.18 9.25
C GLY F 59 -16.77 -11.28 8.02
N ASP F 60 -16.93 -9.98 8.24
CA ASP F 60 -16.87 -8.95 7.19
C ASP F 60 -15.43 -8.69 6.84
N GLY F 61 -15.18 -8.58 5.53
CA GLY F 61 -13.85 -8.35 4.98
C GLY F 61 -12.99 -9.59 4.96
N ILE F 62 -13.62 -10.74 5.07
CA ILE F 62 -12.90 -12.01 5.07
C ILE F 62 -13.04 -12.61 3.70
N PRO F 63 -11.92 -12.75 2.95
CA PRO F 63 -12.01 -13.29 1.59
C PRO F 63 -12.46 -14.74 1.53
N ASP F 64 -12.91 -15.14 0.32
CA ASP F 64 -13.49 -16.44 -0.03
C ASP F 64 -12.55 -17.61 0.22
N ARG F 65 -11.26 -17.34 0.21
CA ARG F 65 -10.27 -18.38 0.39
C ARG F 65 -10.24 -18.94 1.84
N PHE F 66 -10.96 -18.25 2.77
CA PHE F 66 -11.08 -18.69 4.15
C PHE F 66 -12.35 -19.57 4.33
N SER F 67 -12.15 -20.80 4.84
CA SER F 67 -13.22 -21.75 5.08
C SER F 67 -12.83 -22.66 6.24
N GLY F 68 -13.83 -23.35 6.77
CA GLY F 68 -13.63 -24.24 7.91
C GLY F 68 -14.10 -25.64 7.65
N SER F 69 -13.74 -26.54 8.56
CA SER F 69 -14.10 -27.96 8.56
C SER F 69 -13.83 -28.50 9.98
N SER F 70 -14.46 -29.61 10.36
CA SER F 70 -14.31 -30.18 11.70
C SER F 70 -14.18 -31.66 11.62
N SER F 71 -13.58 -32.27 12.65
CA SER F 71 -13.42 -33.74 12.83
C SER F 71 -13.25 -33.94 14.34
N GLY F 72 -14.30 -34.43 14.99
CA GLY F 72 -14.32 -34.70 16.41
C GLY F 72 -14.16 -33.42 17.19
N ALA F 73 -13.11 -33.39 18.05
CA ALA F 73 -12.73 -32.24 18.89
C ALA F 73 -11.84 -31.22 18.14
N ASP F 74 -11.47 -31.54 16.88
CA ASP F 74 -10.63 -30.73 15.99
C ASP F 74 -11.42 -29.78 15.13
N ARG F 75 -11.00 -28.52 15.16
CA ARG F 75 -11.57 -27.44 14.33
C ARG F 75 -10.47 -26.95 13.44
N TYR F 76 -10.71 -26.97 12.13
CA TYR F 76 -9.72 -26.58 11.14
C TYR F 76 -10.05 -25.30 10.40
N LEU F 77 -9.06 -24.41 10.32
CA LEU F 77 -9.15 -23.20 9.50
C LEU F 77 -8.40 -23.56 8.21
N SER F 78 -9.12 -23.59 7.08
CA SER F 78 -8.55 -23.85 5.78
C SER F 78 -8.42 -22.50 5.04
N ILE F 79 -7.16 -22.17 4.62
CA ILE F 79 -6.85 -20.99 3.81
C ILE F 79 -6.40 -21.55 2.44
N SER F 80 -7.25 -21.41 1.42
CA SER F 80 -6.98 -21.85 0.06
C SER F 80 -6.16 -20.77 -0.65
N ASN F 81 -5.24 -21.19 -1.56
CA ASN F 81 -4.43 -20.28 -2.38
C ASN F 81 -3.87 -19.12 -1.50
N ILE F 82 -3.19 -19.51 -0.40
CA ILE F 82 -2.67 -18.59 0.62
C ILE F 82 -1.86 -17.51 -0.04
N GLN F 83 -2.16 -16.26 0.38
CA GLN F 83 -1.55 -15.01 -0.07
C GLN F 83 -0.58 -14.55 0.98
N GLU F 84 0.35 -13.66 0.59
CA GLU F 84 1.35 -13.09 1.50
C GLU F 84 0.70 -12.20 2.61
N GLU F 85 -0.46 -11.56 2.30
CA GLU F 85 -1.24 -10.77 3.28
C GLU F 85 -1.89 -11.65 4.35
N ASP F 86 -1.92 -12.99 4.15
CA ASP F 86 -2.46 -13.92 5.13
C ASP F 86 -1.42 -14.32 6.20
N GLU F 87 -0.24 -13.68 6.19
CA GLU F 87 0.81 -13.91 7.17
C GLU F 87 0.33 -13.18 8.46
N ALA F 88 0.08 -13.96 9.53
CA ALA F 88 -0.46 -13.50 10.78
C ALA F 88 -0.43 -14.61 11.80
N ILE F 89 -0.85 -14.29 13.04
CA ILE F 89 -1.08 -15.25 14.12
C ILE F 89 -2.60 -15.53 14.10
N TYR F 90 -2.96 -16.81 13.94
CA TYR F 90 -4.34 -17.21 13.93
C TYR F 90 -4.61 -17.80 15.32
N ILE F 91 -5.59 -17.20 16.03
CA ILE F 91 -6.00 -17.59 17.37
C ILE F 91 -7.44 -18.12 17.38
N CYS F 92 -7.68 -19.20 18.11
CA CYS F 92 -9.04 -19.66 18.27
C CYS F 92 -9.57 -19.39 19.66
N GLY F 93 -10.88 -19.26 19.76
CA GLY F 93 -11.56 -18.95 21.01
C GLY F 93 -12.80 -19.78 21.22
N VAL F 94 -13.13 -20.04 22.47
CA VAL F 94 -14.30 -20.84 22.84
C VAL F 94 -14.96 -20.28 24.09
N GLY F 95 -16.28 -20.31 24.10
CA GLY F 95 -17.10 -19.89 25.23
C GLY F 95 -17.76 -21.08 25.90
N ASP F 96 -18.17 -20.93 27.15
CA ASP F 96 -18.84 -21.98 27.91
C ASP F 96 -19.81 -21.32 28.89
N THR F 97 -20.98 -21.93 29.08
CA THR F 97 -22.00 -21.51 30.06
C THR F 97 -22.21 -22.69 31.01
N ILE F 98 -22.28 -22.39 32.31
CA ILE F 98 -22.48 -23.36 33.38
C ILE F 98 -23.95 -23.22 33.88
N LYS F 99 -24.19 -22.43 34.93
CA LYS F 99 -25.52 -22.18 35.44
C LYS F 99 -25.71 -20.69 35.20
N GLU F 100 -26.00 -20.33 33.92
CA GLU F 100 -26.17 -18.95 33.43
C GLU F 100 -24.87 -18.11 33.56
N GLN F 101 -23.70 -18.77 33.78
CA GLN F 101 -22.40 -18.11 33.93
C GLN F 101 -21.48 -18.30 32.74
N PHE F 102 -21.29 -17.20 31.96
CA PHE F 102 -20.47 -17.19 30.74
C PHE F 102 -18.99 -16.98 30.99
N VAL F 103 -18.16 -17.78 30.33
CA VAL F 103 -16.70 -17.75 30.40
C VAL F 103 -16.17 -17.99 29.00
N TYR F 104 -15.21 -17.18 28.60
CA TYR F 104 -14.56 -17.25 27.30
C TYR F 104 -13.05 -17.52 27.49
N VAL F 105 -12.44 -18.25 26.56
CA VAL F 105 -11.05 -18.71 26.59
C VAL F 105 -10.44 -18.60 25.17
N PHE F 106 -9.19 -18.12 25.10
CA PHE F 106 -8.46 -18.06 23.85
C PHE F 106 -7.36 -19.11 23.87
N GLY F 107 -7.02 -19.66 22.70
CA GLY F 107 -5.88 -20.55 22.55
C GLY F 107 -4.61 -19.71 22.50
N GLY F 108 -3.45 -20.37 22.53
CA GLY F 108 -2.16 -19.70 22.50
C GLY F 108 -1.78 -19.07 21.18
N GLY F 109 -2.47 -19.47 20.10
CA GLY F 109 -2.26 -18.96 18.75
C GLY F 109 -1.24 -19.75 17.96
N THR F 110 -1.30 -19.64 16.62
CA THR F 110 -0.45 -20.28 15.60
C THR F 110 0.12 -19.18 14.69
N LYS F 111 1.45 -18.97 14.67
CA LYS F 111 2.09 -18.00 13.79
C LYS F 111 2.20 -18.62 12.40
N VAL F 112 1.63 -17.95 11.38
CA VAL F 112 1.65 -18.43 10.00
C VAL F 112 2.53 -17.55 9.13
N THR F 113 3.49 -18.22 8.51
CA THR F 113 4.47 -17.67 7.60
C THR F 113 4.14 -18.16 6.19
N VAL F 114 4.10 -17.21 5.23
CA VAL F 114 3.87 -17.49 3.79
C VAL F 114 5.20 -17.24 3.10
N LEU F 115 5.77 -18.30 2.46
CA LEU F 115 7.03 -18.29 1.70
C LEU F 115 6.78 -18.05 0.21
N GLY F 116 7.86 -17.78 -0.53
CA GLY F 116 7.82 -17.63 -1.99
C GLY F 116 7.95 -16.21 -2.48
N GLN F 117 8.31 -15.31 -1.58
CA GLN F 117 8.53 -13.91 -1.90
C GLN F 117 9.79 -13.81 -2.74
N PRO F 118 9.78 -12.99 -3.83
CA PRO F 118 11.00 -12.88 -4.68
C PRO F 118 12.23 -12.29 -3.97
N LYS F 119 13.31 -13.10 -3.98
CA LYS F 119 14.61 -12.84 -3.40
C LYS F 119 15.19 -11.51 -3.86
N SER F 120 15.73 -10.74 -2.89
CA SER F 120 16.35 -9.43 -3.08
C SER F 120 17.52 -9.23 -2.11
N THR F 121 18.65 -8.79 -2.63
CA THR F 121 19.90 -8.54 -1.90
C THR F 121 19.81 -7.24 -1.07
N PRO F 122 20.36 -7.22 0.17
CA PRO F 122 20.28 -6.00 0.98
C PRO F 122 21.09 -4.83 0.45
N THR F 123 20.61 -3.64 0.76
CA THR F 123 21.24 -2.36 0.47
C THR F 123 21.73 -1.85 1.82
N LEU F 124 23.02 -1.55 1.88
CA LEU F 124 23.65 -1.04 3.09
C LEU F 124 23.92 0.47 3.01
N THR F 125 23.62 1.17 4.09
CA THR F 125 23.87 2.59 4.24
C THR F 125 24.49 2.75 5.62
N VAL F 126 25.72 3.24 5.66
CA VAL F 126 26.47 3.46 6.91
C VAL F 126 26.73 4.93 7.15
N PHE F 127 26.39 5.41 8.34
CA PHE F 127 26.60 6.81 8.74
C PHE F 127 27.56 6.92 9.88
N PRO F 128 28.49 7.90 9.84
CA PRO F 128 29.42 8.07 10.96
C PRO F 128 28.77 8.88 12.12
N PRO F 129 29.42 8.95 13.31
CA PRO F 129 28.85 9.75 14.42
C PRO F 129 28.88 11.23 14.09
N SER F 130 27.79 11.95 14.41
CA SER F 130 27.68 13.38 14.17
C SER F 130 28.57 14.15 15.14
N SER F 131 28.97 15.38 14.75
CA SER F 131 29.80 16.29 15.58
C SER F 131 29.12 16.56 16.93
N GLU F 132 27.77 16.66 16.92
CA GLU F 132 26.90 16.86 18.08
C GLU F 132 27.06 15.76 19.15
N GLU F 133 26.95 14.48 18.71
CA GLU F 133 27.11 13.29 19.54
C GLU F 133 28.53 13.19 20.08
N LEU F 134 29.53 13.60 19.28
CA LEU F 134 30.95 13.58 19.64
C LEU F 134 31.28 14.63 20.70
N LYS F 135 30.42 15.66 20.86
CA LYS F 135 30.56 16.72 21.88
C LYS F 135 30.19 16.14 23.27
N GLU F 136 29.38 15.07 23.29
CA GLU F 136 28.95 14.31 24.47
C GLU F 136 30.00 13.20 24.75
N ASN F 137 31.11 13.20 23.96
CA ASN F 137 32.23 12.26 23.97
C ASN F 137 31.78 10.79 23.72
N LYS F 138 30.63 10.63 23.03
CA LYS F 138 30.01 9.37 22.62
C LYS F 138 30.02 9.27 21.08
N ALA F 139 29.86 8.06 20.52
CA ALA F 139 29.88 7.83 19.07
C ALA F 139 29.04 6.63 18.62
N THR F 140 27.90 6.89 17.97
CA THR F 140 27.03 5.84 17.43
C THR F 140 27.16 5.84 15.92
N LEU F 141 27.50 4.66 15.37
CA LEU F 141 27.64 4.39 13.94
C LEU F 141 26.37 3.67 13.55
N VAL F 142 25.73 4.11 12.45
CA VAL F 142 24.44 3.56 12.02
C VAL F 142 24.59 2.71 10.74
N CYS F 143 24.04 1.50 10.75
CA CYS F 143 24.00 0.64 9.59
C CYS F 143 22.54 0.45 9.27
N LEU F 144 22.11 0.89 8.09
CA LEU F 144 20.70 0.78 7.68
C LEU F 144 20.63 -0.19 6.53
N ILE F 145 19.96 -1.31 6.76
CA ILE F 145 19.87 -2.41 5.81
C ILE F 145 18.47 -2.41 5.25
N SER F 146 18.32 -2.48 3.92
CA SER F 146 16.99 -2.39 3.33
C SER F 146 16.85 -3.10 2.02
N ASN F 147 15.57 -3.27 1.53
CA ASN F 147 15.23 -3.88 0.22
C ASN F 147 15.68 -5.38 0.14
N PHE F 148 15.55 -6.16 1.23
CA PHE F 148 15.99 -7.56 1.20
C PHE F 148 14.90 -8.55 1.49
N SER F 149 15.05 -9.77 0.93
CA SER F 149 14.12 -10.89 1.06
C SER F 149 14.85 -12.20 0.73
N PRO F 150 14.74 -13.26 1.58
CA PRO F 150 14.01 -13.31 2.88
C PRO F 150 14.73 -12.56 4.04
N SER F 151 14.03 -12.42 5.19
CA SER F 151 14.44 -11.72 6.43
C SER F 151 15.79 -12.04 7.04
N GLY F 152 16.23 -13.28 6.88
CA GLY F 152 17.47 -13.81 7.46
C GLY F 152 18.75 -13.09 7.10
N VAL F 153 19.31 -12.38 8.08
CA VAL F 153 20.56 -11.63 7.91
C VAL F 153 21.51 -11.87 9.08
N THR F 154 22.78 -11.50 8.87
CA THR F 154 23.83 -11.57 9.87
C THR F 154 24.49 -10.22 9.81
N VAL F 155 24.36 -9.45 10.89
CA VAL F 155 24.99 -8.15 10.88
C VAL F 155 26.26 -8.23 11.69
N ALA F 156 27.38 -7.79 11.08
CA ALA F 156 28.71 -7.85 11.68
C ALA F 156 29.46 -6.53 11.55
N TRP F 157 30.16 -6.14 12.60
CA TRP F 157 30.93 -4.91 12.59
C TRP F 157 32.43 -5.20 12.61
N LYS F 158 33.21 -4.29 12.02
CA LYS F 158 34.67 -4.34 11.94
C LYS F 158 35.23 -2.92 12.11
N ALA F 159 36.38 -2.79 12.79
CA ALA F 159 37.01 -1.48 13.01
C ALA F 159 38.19 -1.34 12.07
N ASN F 160 39.38 -1.81 12.48
CA ASN F 160 40.57 -1.80 11.63
C ASN F 160 40.69 -3.20 11.01
N GLY F 161 39.62 -3.64 10.34
CA GLY F 161 39.50 -4.96 9.74
C GLY F 161 39.29 -6.05 10.77
N THR F 162 39.31 -5.67 12.06
CA THR F 162 39.16 -6.52 13.23
C THR F 162 37.71 -6.48 13.73
N PRO F 163 37.07 -7.66 13.95
CA PRO F 163 35.66 -7.68 14.40
C PRO F 163 35.41 -7.01 15.74
N ILE F 164 34.32 -6.22 15.83
CA ILE F 164 33.91 -5.54 17.06
C ILE F 164 32.53 -6.04 17.47
N THR F 165 32.43 -6.59 18.68
CA THR F 165 31.16 -7.12 19.20
C THR F 165 30.70 -6.29 20.38
N GLN F 166 31.65 -5.60 21.04
CA GLN F 166 31.35 -4.72 22.16
C GLN F 166 30.71 -3.42 21.71
N GLY F 167 29.49 -3.18 22.17
CA GLY F 167 28.70 -2.00 21.84
C GLY F 167 27.93 -2.14 20.54
N VAL F 168 27.51 -3.37 20.21
CA VAL F 168 26.75 -3.63 18.99
C VAL F 168 25.34 -4.05 19.35
N ASP F 169 24.36 -3.31 18.84
CA ASP F 169 22.96 -3.62 19.04
C ASP F 169 22.27 -3.59 17.67
N THR F 170 21.77 -4.75 17.24
CA THR F 170 21.12 -5.00 15.96
C THR F 170 19.62 -5.21 16.16
N SER F 171 18.79 -4.60 15.31
CA SER F 171 17.34 -4.76 15.38
C SER F 171 16.97 -6.07 14.70
N ASN F 172 15.72 -6.50 14.86
CA ASN F 172 15.28 -7.72 14.19
C ASN F 172 14.84 -7.26 12.80
N PRO F 173 14.87 -8.12 11.75
CA PRO F 173 14.37 -7.69 10.44
C PRO F 173 12.86 -7.44 10.54
N THR F 174 12.41 -6.26 10.12
CA THR F 174 11.01 -5.89 10.14
C THR F 174 10.52 -5.78 8.72
N LYS F 175 9.31 -6.25 8.48
CA LYS F 175 8.72 -6.22 7.16
C LYS F 175 8.34 -4.80 6.75
N GLU F 176 8.64 -4.45 5.52
CA GLU F 176 8.28 -3.16 4.96
C GLU F 176 7.90 -3.41 3.50
N GLY F 177 6.59 -3.65 3.31
CA GLY F 177 6.02 -3.98 2.01
C GLY F 177 6.27 -5.44 1.69
N ASN F 178 6.77 -5.72 0.49
CA ASN F 178 7.09 -7.07 0.02
C ASN F 178 8.55 -7.47 0.35
N LYS F 179 9.24 -6.66 1.18
CA LYS F 179 10.63 -6.90 1.57
C LYS F 179 10.84 -6.70 3.05
N PHE F 180 12.11 -6.55 3.45
CA PHE F 180 12.49 -6.32 4.84
C PHE F 180 13.49 -5.20 4.94
N MET F 181 13.61 -4.69 6.14
CA MET F 181 14.59 -3.68 6.55
C MET F 181 14.97 -3.97 7.99
N ALA F 182 16.15 -3.54 8.39
CA ALA F 182 16.71 -3.73 9.72
C ALA F 182 17.74 -2.66 9.92
N SER F 183 18.17 -2.46 11.17
CA SER F 183 19.22 -1.51 11.50
C SER F 183 20.18 -2.10 12.54
N SER F 184 21.35 -1.52 12.66
CA SER F 184 22.37 -1.94 13.60
C SER F 184 23.15 -0.73 13.95
N PHE F 185 23.48 -0.59 15.24
CA PHE F 185 24.23 0.54 15.78
C PHE F 185 25.51 0.06 16.46
N LEU F 186 26.60 0.83 16.33
CA LEU F 186 27.85 0.52 16.99
C LEU F 186 28.21 1.70 17.88
N HIS F 187 27.98 1.54 19.19
CA HIS F 187 28.24 2.58 20.18
C HIS F 187 29.65 2.47 20.76
N LEU F 188 30.51 3.38 20.35
CA LEU F 188 31.89 3.49 20.82
C LEU F 188 31.95 4.81 21.57
N THR F 189 33.04 5.09 22.28
CA THR F 189 33.22 6.41 22.89
C THR F 189 33.81 7.29 21.78
N SER F 190 33.89 8.62 21.99
CA SER F 190 34.54 9.49 21.00
C SER F 190 36.03 9.15 21.13
N ASP F 191 36.86 9.49 20.14
CA ASP F 191 38.30 9.19 20.15
C ASP F 191 38.56 7.68 19.92
N GLN F 192 37.59 6.80 20.30
CA GLN F 192 37.61 5.34 20.07
C GLN F 192 37.29 5.22 18.59
N TRP F 193 36.51 6.18 18.09
CA TRP F 193 36.11 6.38 16.71
C TRP F 193 37.32 7.01 15.94
N ARG F 194 37.95 8.03 16.55
CA ARG F 194 39.07 8.80 16.00
C ARG F 194 40.46 8.07 16.03
N SER F 195 40.63 6.99 16.84
CA SER F 195 41.89 6.23 16.95
C SER F 195 41.98 5.00 16.02
N HIS F 196 40.94 4.80 15.18
CA HIS F 196 40.81 3.69 14.21
C HIS F 196 40.72 4.26 12.79
N ASN F 197 41.49 3.68 11.85
CA ASN F 197 41.64 4.16 10.46
C ASN F 197 40.47 4.03 9.43
N SER F 198 39.30 3.48 9.82
CA SER F 198 38.07 3.15 9.08
C SER F 198 37.23 2.18 9.94
N PHE F 199 35.93 1.99 9.57
CA PHE F 199 34.97 1.09 10.22
C PHE F 199 34.10 0.45 9.16
N THR F 200 33.75 -0.85 9.32
CA THR F 200 32.96 -1.61 8.35
C THR F 200 31.77 -2.37 8.94
N CYS F 201 30.60 -2.26 8.27
CA CYS F 201 29.38 -2.98 8.58
C CYS F 201 29.17 -3.99 7.46
N GLN F 202 29.22 -5.28 7.82
CA GLN F 202 29.06 -6.41 6.92
C GLN F 202 27.69 -7.04 7.19
N VAL F 203 27.01 -7.39 6.10
CA VAL F 203 25.72 -8.04 6.16
C VAL F 203 25.78 -9.26 5.25
N THR F 204 25.48 -10.43 5.83
CA THR F 204 25.45 -11.69 5.11
C THR F 204 24.01 -12.13 4.98
N HIS F 205 23.60 -12.34 3.73
CA HIS F 205 22.26 -12.73 3.36
C HIS F 205 22.38 -13.72 2.20
N GLU F 206 21.84 -14.96 2.40
CA GLU F 206 21.89 -16.09 1.45
C GLU F 206 23.34 -16.46 1.08
N GLY F 207 24.22 -16.46 2.06
CA GLY F 207 25.63 -16.76 1.87
C GLY F 207 26.45 -15.64 1.25
N ASP F 208 25.78 -14.69 0.54
CA ASP F 208 26.43 -13.52 -0.07
C ASP F 208 26.70 -12.49 1.03
N THR F 209 27.79 -11.74 0.89
CA THR F 209 28.18 -10.72 1.84
C THR F 209 28.27 -9.36 1.16
N VAL F 210 27.59 -8.36 1.75
CA VAL F 210 27.59 -6.96 1.31
C VAL F 210 28.21 -6.15 2.45
N GLU F 211 29.08 -5.19 2.12
CA GLU F 211 29.76 -4.40 3.16
C GLU F 211 29.95 -2.92 2.80
N LYS F 212 29.96 -2.04 3.82
CA LYS F 212 30.23 -0.60 3.64
C LYS F 212 31.17 -0.06 4.71
N SER F 213 31.92 1.00 4.38
CA SER F 213 32.91 1.55 5.31
C SER F 213 32.83 3.06 5.54
N LEU F 214 33.39 3.51 6.67
CA LEU F 214 33.45 4.92 7.08
C LEU F 214 34.90 5.29 7.30
N SER F 215 35.27 6.54 7.01
CA SER F 215 36.63 6.98 7.25
C SER F 215 36.73 8.21 8.15
N PRO F 216 37.36 8.08 9.35
CA PRO F 216 37.57 9.26 10.21
C PRO F 216 38.86 9.95 9.73
N ALA F 217 38.77 10.74 8.63
CA ALA F 217 39.89 11.42 8.01
C ALA F 217 39.58 12.92 7.70
N GLU F 218 40.23 13.50 6.64
CA GLU F 218 40.11 14.87 6.12
C GLU F 218 39.97 15.95 7.22
MG MG G . 1.55 -24.47 -5.18
#